data_3B37
#
_entry.id   3B37
#
_cell.length_a   120.324
_cell.length_b   120.324
_cell.length_c   170.345
_cell.angle_alpha   90.000
_cell.angle_beta   90.000
_cell.angle_gamma   120.000
#
_symmetry.space_group_name_H-M   'P 31 2 1'
#
loop_
_entity.id
_entity.type
_entity.pdbx_description
1 polymer 'Aminopeptidase N'
2 non-polymer 'ZINC ION'
3 non-polymer 'SODIUM ION'
4 non-polymer TYROSINE
5 non-polymer 'MALONATE ION'
6 non-polymer GLYCEROL
7 water water
#
_entity_poly.entity_id   1
_entity_poly.type   'polypeptide(L)'
_entity_poly.pdbx_seq_one_letter_code
;MGSSHHHHHHSSGENLYFQGHMTQQPQAKYRHDYRAPDYQITDIDLTFDLDAQKTVVTAVSQAVRHGASDAPLRLNGEDL
KLVSVHINDEPWTAWKEEEGALVISNLPERFTLKIINEISPAANTALEGLYQSGDALCTQCEAEGFRHITYYLDRPDVLA
RFTTKIIADKIKYPFLLSNGNRVAQGELENGRHWVQWQDPFPKPCYLFALVAGDFDVLRDTFTTRSGREVALELYVDRGN
LDRAPWAMTSLKNSMKWDEERFGLEYDLDIYMIVAVDFFNMGAMENKGLNIFNSKYVLARTDTATDKDYLDIERVIGHEY
FHNWTGNRVTCRDWFQLSLKEGLTVFRDQEFSSDLGSRAVNRINNVRTMRGLQFAEDASPMAHPIRPDMVIEMNNFYTLT
VYEKGAEVIRMIHTLLGEENFQKGMQLYFERHDGSAATCDDFVQAMEDASNVDLSHFRRWYSQSGTPIVTVKDDYNPETE
QYTLTISQRTPATPDQAEKQPLHIPFAIELYDNEGKVIPLQKGGHPVNSVLNVTQAEQTFVFDNVYFQPVPALLCEFSAP
VKLEYKWSDQQLTFLMRHARNDFSRWDAAQSLLATYIKLNVARHQQGQPLSLPVHVADAFRAVLLDEKIDPALAAEILTL
PSVNEMAELFDIIDPIAIAEVREALTRTLATELADELLAIYNANYQSEYRVEHEDIAKRTLRNACLRFLAFGETHLADVL
VSKQFHEANNMTDALAALSAAVAAQLPCRDALMQEYDDKWHQNGLVMDKWFILQATSPAANVLETVRGLLQHRSFTMSNP
NRIRSLIGAFAGSNPAAFHAEDGSGYLFLVEMLTDLNSRNPQVASRLIEPLIRLKRYDAKRQEKMRAALEQLKGLENLSG
DLYEKITKALA
;
_entity_poly.pdbx_strand_id   A
#
# COMPACT_ATOMS: atom_id res chain seq x y z
N PRO A 26 17.18 8.21 -20.02
CA PRO A 26 15.94 7.42 -19.98
C PRO A 26 14.77 8.22 -20.57
N GLN A 27 14.00 7.58 -21.44
CA GLN A 27 12.94 8.25 -22.19
C GLN A 27 11.57 8.05 -21.56
N ALA A 28 10.81 9.13 -21.46
CA ALA A 28 9.45 9.06 -20.95
C ALA A 28 8.50 8.42 -21.95
N LYS A 29 7.54 7.64 -21.45
CA LYS A 29 6.48 7.09 -22.26
C LYS A 29 5.17 7.75 -21.87
N TYR A 30 4.28 7.93 -22.86
CA TYR A 30 3.05 8.70 -22.70
C TYR A 30 1.80 7.88 -22.99
N ARG A 31 0.81 8.05 -22.12
CA ARG A 31 -0.45 7.33 -22.27
C ARG A 31 -1.10 7.57 -23.64
N HIS A 32 -1.02 8.82 -24.13
CA HIS A 32 -1.66 9.15 -25.41
C HIS A 32 -1.00 8.47 -26.61
N ASP A 33 0.19 7.88 -26.40
CA ASP A 33 0.88 7.16 -27.47
C ASP A 33 0.48 5.69 -27.59
N TYR A 34 -0.45 5.23 -26.75
CA TYR A 34 -0.86 3.83 -26.83
C TYR A 34 -1.32 3.46 -28.24
N ARG A 35 -0.80 2.35 -28.77
CA ARG A 35 -1.32 1.78 -30.02
C ARG A 35 -1.34 0.26 -29.91
N ALA A 36 -2.38 -0.37 -30.47
CA ALA A 36 -2.49 -1.82 -30.50
C ALA A 36 -1.20 -2.42 -31.10
N PRO A 37 -0.80 -3.62 -30.61
CA PRO A 37 0.47 -4.20 -31.07
C PRO A 37 0.40 -4.67 -32.53
N ASP A 38 1.53 -4.53 -33.23
CA ASP A 38 1.65 -5.05 -34.61
C ASP A 38 1.57 -6.58 -34.70
N TYR A 39 1.97 -7.25 -33.61
CA TYR A 39 1.96 -8.70 -33.50
C TYR A 39 1.30 -9.11 -32.19
N GLN A 40 0.56 -10.21 -32.24
CA GLN A 40 0.11 -10.90 -31.03
C GLN A 40 0.84 -12.24 -30.86
N ILE A 41 0.95 -12.69 -29.62
CA ILE A 41 1.37 -14.07 -29.34
C ILE A 41 0.18 -14.74 -28.69
N THR A 42 -0.16 -15.94 -29.15
CA THR A 42 -1.37 -16.64 -28.68
C THR A 42 -1.05 -17.74 -27.66
N ASP A 43 0.15 -18.32 -27.80
CA ASP A 43 0.57 -19.47 -27.01
C ASP A 43 2.06 -19.39 -26.88
N ILE A 44 2.57 -19.74 -25.71
CA ILE A 44 4.01 -19.80 -25.51
C ILE A 44 4.34 -21.04 -24.68
N ASP A 45 5.38 -21.76 -25.13
N ASP A 45 5.35 -21.78 -25.13
CA ASP A 45 5.86 -22.99 -24.49
CA ASP A 45 5.82 -22.96 -24.43
C ASP A 45 7.29 -22.76 -23.99
C ASP A 45 7.24 -22.66 -23.99
N LEU A 46 7.43 -22.64 -22.68
CA LEU A 46 8.73 -22.28 -22.08
C LEU A 46 9.38 -23.53 -21.54
N THR A 47 10.70 -23.62 -21.72
CA THR A 47 11.50 -24.62 -21.03
C THR A 47 12.60 -23.88 -20.28
N PHE A 48 12.76 -24.19 -19.00
CA PHE A 48 13.87 -23.65 -18.20
C PHE A 48 14.81 -24.77 -17.83
N ASP A 49 16.06 -24.67 -18.26
CA ASP A 49 17.08 -25.57 -17.73
C ASP A 49 17.74 -24.77 -16.60
N LEU A 50 17.27 -25.03 -15.38
CA LEU A 50 17.55 -24.19 -14.23
C LEU A 50 18.90 -24.43 -13.60
N ASP A 51 19.59 -23.33 -13.31
CA ASP A 51 20.83 -23.33 -12.54
C ASP A 51 21.04 -21.91 -12.06
N ALA A 52 21.48 -21.76 -10.82
CA ALA A 52 21.65 -20.42 -10.25
C ALA A 52 22.64 -19.55 -11.02
N GLN A 53 23.71 -20.15 -11.54
CA GLN A 53 24.73 -19.39 -12.30
C GLN A 53 24.34 -19.16 -13.75
N LYS A 54 23.78 -20.19 -14.39
CA LYS A 54 23.43 -20.09 -15.81
C LYS A 54 22.18 -20.91 -16.09
N THR A 55 21.07 -20.20 -16.30
CA THR A 55 19.81 -20.82 -16.66
C THR A 55 19.61 -20.64 -18.16
N VAL A 56 19.22 -21.72 -18.84
CA VAL A 56 18.96 -21.67 -20.27
C VAL A 56 17.44 -21.70 -20.49
N VAL A 57 16.96 -20.68 -21.20
CA VAL A 57 15.52 -20.54 -21.47
C VAL A 57 15.27 -20.81 -22.95
N THR A 58 14.34 -21.72 -23.23
CA THR A 58 13.85 -21.96 -24.59
C THR A 58 12.38 -21.52 -24.62
N ALA A 59 12.04 -20.62 -25.54
CA ALA A 59 10.70 -20.07 -25.59
C ALA A 59 10.16 -20.26 -26.99
N VAL A 60 9.10 -21.04 -27.11
CA VAL A 60 8.49 -21.28 -28.41
C VAL A 60 7.12 -20.58 -28.43
N SER A 61 7.00 -19.53 -29.22
CA SER A 61 5.79 -18.70 -29.26
C SER A 61 5.06 -18.82 -30.59
N GLN A 62 3.73 -18.94 -30.54
CA GLN A 62 2.92 -18.90 -31.75
C GLN A 62 2.43 -17.48 -31.92
N ALA A 63 2.85 -16.86 -33.02
CA ALA A 63 2.61 -15.44 -33.23
C ALA A 63 1.75 -15.17 -34.47
N VAL A 64 1.06 -14.03 -34.45
CA VAL A 64 0.17 -13.63 -35.55
C VAL A 64 0.42 -12.15 -35.81
N ARG A 65 0.63 -11.79 -37.08
CA ARG A 65 0.79 -10.38 -37.42
C ARG A 65 -0.56 -9.72 -37.67
N HIS A 66 -0.77 -8.59 -36.99
CA HIS A 66 -1.97 -7.78 -37.17
C HIS A 66 -1.66 -6.49 -37.91
N GLY A 67 -0.40 -6.04 -37.82
CA GLY A 67 0.02 -4.80 -38.45
C GLY A 67 0.35 -4.96 -39.92
N ALA A 68 1.05 -3.96 -40.46
CA ALA A 68 1.46 -3.95 -41.87
C ALA A 68 2.46 -5.07 -42.15
N SER A 69 2.33 -5.66 -43.33
CA SER A 69 3.20 -6.74 -43.76
C SER A 69 4.69 -6.40 -43.66
N ASP A 70 5.02 -5.11 -43.62
CA ASP A 70 6.42 -4.68 -43.51
C ASP A 70 6.83 -4.20 -42.11
N ALA A 71 5.97 -4.42 -41.12
CA ALA A 71 6.29 -4.03 -39.74
C ALA A 71 7.10 -5.15 -39.09
N PRO A 72 8.24 -4.79 -38.45
CA PRO A 72 9.01 -5.86 -37.84
C PRO A 72 8.42 -6.21 -36.48
N LEU A 73 8.74 -7.41 -36.00
CA LEU A 73 8.40 -7.80 -34.63
C LEU A 73 9.46 -7.27 -33.68
N ARG A 74 9.04 -6.44 -32.73
CA ARG A 74 9.96 -5.81 -31.78
C ARG A 74 9.76 -6.42 -30.42
N LEU A 75 10.71 -7.26 -30.01
CA LEU A 75 10.62 -7.97 -28.73
C LEU A 75 11.41 -7.24 -27.67
N ASN A 76 10.84 -7.09 -26.48
CA ASN A 76 11.60 -6.49 -25.37
C ASN A 76 12.53 -7.52 -24.75
N GLY A 77 13.73 -7.08 -24.36
CA GLY A 77 14.65 -7.96 -23.63
C GLY A 77 15.68 -7.16 -22.90
N GLU A 78 16.02 -7.58 -21.69
CA GLU A 78 17.03 -6.90 -20.87
C GLU A 78 17.97 -7.92 -20.27
N ASP A 79 19.28 -7.66 -20.42
CA ASP A 79 20.33 -8.51 -19.84
C ASP A 79 20.17 -9.99 -20.22
N LEU A 80 19.93 -10.26 -21.50
CA LEU A 80 19.77 -11.63 -22.01
C LEU A 80 20.97 -11.98 -22.86
N LYS A 81 21.46 -13.22 -22.78
CA LYS A 81 22.47 -13.66 -23.74
C LYS A 81 21.76 -14.48 -24.81
N LEU A 82 21.60 -13.92 -26.00
CA LEU A 82 20.90 -14.61 -27.07
C LEU A 82 21.73 -15.77 -27.62
N VAL A 83 21.09 -16.93 -27.74
CA VAL A 83 21.76 -18.12 -28.26
C VAL A 83 21.34 -18.42 -29.72
N SER A 84 20.03 -18.37 -29.98
CA SER A 84 19.52 -18.60 -31.34
C SER A 84 18.10 -18.08 -31.53
N VAL A 85 17.80 -17.81 -32.80
CA VAL A 85 16.48 -17.34 -33.23
C VAL A 85 16.04 -18.23 -34.39
N HIS A 86 14.90 -18.89 -34.27
CA HIS A 86 14.33 -19.66 -35.39
C HIS A 86 12.91 -19.21 -35.66
N ILE A 87 12.51 -19.25 -36.93
CA ILE A 87 11.14 -18.97 -37.34
C ILE A 87 10.65 -20.16 -38.12
N ASN A 88 9.62 -20.83 -37.60
CA ASN A 88 9.20 -22.13 -38.14
C ASN A 88 10.38 -23.10 -38.33
N ASP A 89 11.24 -23.15 -37.31
CA ASP A 89 12.43 -24.01 -37.24
C ASP A 89 13.54 -23.64 -38.23
N GLU A 90 13.39 -22.52 -38.93
CA GLU A 90 14.46 -22.01 -39.80
C GLU A 90 15.33 -21.00 -39.04
N PRO A 91 16.65 -21.28 -38.93
CA PRO A 91 17.54 -20.27 -38.34
C PRO A 91 17.36 -18.93 -39.05
N TRP A 92 17.03 -17.89 -38.29
CA TRP A 92 16.64 -16.62 -38.89
C TRP A 92 17.81 -15.67 -39.03
N THR A 93 17.95 -15.06 -40.21
CA THR A 93 19.06 -14.15 -40.45
C THR A 93 18.60 -12.69 -40.43
N ALA A 94 17.29 -12.46 -40.53
CA ALA A 94 16.73 -11.12 -40.62
C ALA A 94 16.32 -10.57 -39.25
N TRP A 95 17.32 -10.29 -38.43
CA TRP A 95 17.09 -9.72 -37.09
C TRP A 95 18.27 -8.85 -36.67
N LYS A 96 18.03 -7.97 -35.71
CA LYS A 96 19.13 -7.24 -35.07
C LYS A 96 18.78 -7.02 -33.63
N GLU A 97 19.81 -7.00 -32.78
CA GLU A 97 19.63 -6.59 -31.40
C GLU A 97 19.88 -5.09 -31.28
N GLU A 98 18.99 -4.39 -30.57
CA GLU A 98 19.19 -2.98 -30.26
C GLU A 98 19.08 -2.83 -28.75
N GLU A 99 19.28 -1.60 -28.26
CA GLU A 99 19.13 -1.34 -26.83
C GLU A 99 17.75 -1.80 -26.35
N GLY A 100 17.73 -2.78 -25.46
CA GLY A 100 16.48 -3.29 -24.87
C GLY A 100 15.56 -4.10 -25.79
N ALA A 101 16.06 -4.51 -26.96
CA ALA A 101 15.17 -5.16 -27.93
C ALA A 101 15.86 -6.10 -28.91
N LEU A 102 15.05 -7.04 -29.41
CA LEU A 102 15.41 -7.88 -30.54
C LEU A 102 14.38 -7.57 -31.62
N VAL A 103 14.85 -7.08 -32.77
CA VAL A 103 13.96 -6.64 -33.83
C VAL A 103 14.04 -7.63 -34.98
N ILE A 104 12.91 -8.27 -35.29
CA ILE A 104 12.88 -9.38 -36.26
C ILE A 104 12.06 -8.94 -37.48
N SER A 105 12.69 -9.00 -38.65
CA SER A 105 12.08 -8.52 -39.88
C SER A 105 11.61 -9.64 -40.80
N ASN A 106 10.74 -9.28 -41.76
CA ASN A 106 10.39 -10.12 -42.92
C ASN A 106 9.64 -11.40 -42.56
N LEU A 107 8.65 -11.26 -41.68
CA LEU A 107 7.94 -12.39 -41.13
C LEU A 107 6.66 -12.72 -41.88
N PRO A 108 6.23 -14.00 -41.84
CA PRO A 108 4.91 -14.32 -42.39
C PRO A 108 3.81 -13.82 -41.48
N GLU A 109 2.56 -13.98 -41.93
CA GLU A 109 1.42 -13.53 -41.14
C GLU A 109 1.24 -14.36 -39.85
N ARG A 110 1.55 -15.64 -39.91
CA ARG A 110 1.47 -16.54 -38.75
C ARG A 110 2.73 -17.39 -38.72
N PHE A 111 3.32 -17.57 -37.55
CA PHE A 111 4.58 -18.32 -37.46
C PHE A 111 4.89 -18.73 -36.04
N THR A 112 5.81 -19.68 -35.93
CA THR A 112 6.35 -20.14 -34.67
C THR A 112 7.72 -19.50 -34.46
N LEU A 113 7.84 -18.73 -33.40
CA LEU A 113 9.08 -18.09 -32.99
C LEU A 113 9.76 -18.95 -31.94
N LYS A 114 11.02 -19.31 -32.13
CA LYS A 114 11.78 -20.03 -31.10
C LYS A 114 13.01 -19.21 -30.73
N ILE A 115 13.08 -18.84 -29.45
CA ILE A 115 14.22 -18.10 -28.91
C ILE A 115 14.88 -18.98 -27.88
N ILE A 116 16.20 -19.11 -27.95
CA ILE A 116 16.97 -19.68 -26.84
C ILE A 116 17.89 -18.58 -26.32
N ASN A 117 17.91 -18.41 -25.00
CA ASN A 117 18.77 -17.41 -24.38
C ASN A 117 19.19 -17.82 -22.99
N GLU A 118 20.25 -17.20 -22.50
CA GLU A 118 20.74 -17.49 -21.16
C GLU A 118 20.57 -16.30 -20.22
N ILE A 119 20.34 -16.61 -18.95
CA ILE A 119 20.26 -15.62 -17.87
C ILE A 119 20.99 -16.18 -16.63
N SER A 120 21.26 -15.31 -15.66
CA SER A 120 22.04 -15.67 -14.48
C SER A 120 21.34 -15.25 -13.18
N PRO A 121 20.48 -16.12 -12.63
CA PRO A 121 19.73 -15.77 -11.42
C PRO A 121 20.58 -15.26 -10.27
N ALA A 122 21.76 -15.87 -10.07
CA ALA A 122 22.64 -15.51 -8.95
C ALA A 122 23.17 -14.06 -9.04
N ALA A 123 23.25 -13.53 -10.26
CA ALA A 123 23.72 -12.16 -10.50
C ALA A 123 22.62 -11.11 -10.35
N ASN A 124 21.39 -11.56 -10.17
CA ASN A 124 20.22 -10.67 -10.17
C ASN A 124 19.97 -10.10 -8.78
N THR A 125 20.65 -9.00 -8.45
CA THR A 125 20.46 -8.36 -7.15
C THR A 125 19.26 -7.41 -7.16
N ALA A 126 18.76 -7.06 -8.34
CA ALA A 126 17.61 -6.16 -8.46
C ALA A 126 16.29 -6.84 -8.09
N LEU A 127 16.29 -8.18 -8.08
CA LEU A 127 15.11 -8.99 -7.72
C LEU A 127 13.93 -8.76 -8.69
N GLU A 128 14.23 -8.61 -9.98
N GLU A 128 14.27 -8.74 -9.97
CA GLU A 128 13.21 -8.52 -11.03
CA GLU A 128 13.38 -8.45 -11.09
C GLU A 128 13.61 -9.41 -12.21
C GLU A 128 13.70 -9.52 -12.14
N GLY A 129 12.70 -10.30 -12.57
CA GLY A 129 12.93 -11.41 -13.47
C GLY A 129 13.12 -12.68 -12.64
N LEU A 130 14.03 -13.55 -13.05
CA LEU A 130 14.35 -14.77 -12.30
C LEU A 130 15.55 -14.55 -11.39
N TYR A 131 15.37 -14.75 -10.10
CA TYR A 131 16.43 -14.49 -9.14
C TYR A 131 16.49 -15.51 -8.01
N GLN A 132 17.45 -15.31 -7.12
CA GLN A 132 17.67 -16.21 -6.01
C GLN A 132 17.16 -15.58 -4.72
N SER A 133 16.38 -16.32 -3.95
CA SER A 133 15.91 -15.88 -2.63
C SER A 133 16.38 -16.96 -1.66
N GLY A 134 17.47 -16.69 -0.94
CA GLY A 134 18.17 -17.72 -0.16
C GLY A 134 18.63 -18.83 -1.08
N ASP A 135 18.14 -20.04 -0.85
CA ASP A 135 18.46 -21.19 -1.67
C ASP A 135 17.43 -21.44 -2.79
N ALA A 136 16.33 -20.69 -2.73
CA ALA A 136 15.26 -20.83 -3.72
C ALA A 136 15.52 -19.99 -4.96
N LEU A 137 14.95 -20.40 -6.10
CA LEU A 137 14.87 -19.54 -7.27
C LEU A 137 13.42 -19.15 -7.44
N CYS A 138 13.18 -17.89 -7.73
CA CYS A 138 11.80 -17.42 -7.90
C CYS A 138 11.77 -16.25 -8.86
N THR A 139 10.56 -15.89 -9.26
CA THR A 139 10.43 -14.81 -10.25
C THR A 139 9.63 -13.63 -9.70
N GLN A 140 9.90 -12.46 -10.25
CA GLN A 140 8.97 -11.33 -10.14
C GLN A 140 8.90 -10.68 -11.51
N CYS A 141 7.72 -10.74 -12.13
CA CYS A 141 7.57 -10.23 -13.50
C CYS A 141 6.82 -8.92 -13.63
N GLU A 142 6.00 -8.56 -12.65
CA GLU A 142 5.33 -7.25 -12.76
C GLU A 142 6.31 -6.13 -12.37
N ALA A 143 6.36 -5.01 -13.11
CA ALA A 143 5.59 -4.77 -14.34
C ALA A 143 6.25 -5.34 -15.59
N GLU A 144 7.56 -5.14 -15.70
CA GLU A 144 8.28 -5.44 -16.96
C GLU A 144 9.49 -6.32 -16.69
N GLY A 145 9.27 -7.34 -15.85
CA GLY A 145 10.34 -8.27 -15.48
C GLY A 145 10.49 -9.48 -16.40
N PHE A 146 9.43 -9.82 -17.13
CA PHE A 146 9.52 -11.01 -17.98
C PHE A 146 10.58 -10.83 -19.08
N ARG A 147 10.76 -9.59 -19.53
CA ARG A 147 11.79 -9.29 -20.54
C ARG A 147 13.21 -9.50 -20.00
N HIS A 148 13.35 -9.65 -18.68
CA HIS A 148 14.64 -10.07 -18.09
C HIS A 148 14.83 -11.60 -18.10
N ILE A 149 13.83 -12.32 -18.58
CA ILE A 149 13.86 -13.77 -18.64
C ILE A 149 14.02 -14.25 -20.09
N THR A 150 13.23 -13.69 -21.00
CA THR A 150 13.38 -13.96 -22.44
C THR A 150 12.92 -12.77 -23.29
N TYR A 151 13.22 -12.81 -24.59
CA TYR A 151 12.75 -11.78 -25.51
C TYR A 151 11.25 -11.98 -25.77
N TYR A 152 10.44 -10.98 -25.46
CA TYR A 152 8.99 -11.18 -25.53
C TYR A 152 8.24 -9.88 -25.79
N LEU A 153 6.95 -10.00 -26.10
CA LEU A 153 6.05 -8.85 -26.15
C LEU A 153 5.62 -8.54 -24.72
N ASP A 154 6.50 -7.83 -24.01
CA ASP A 154 6.36 -7.63 -22.57
C ASP A 154 5.45 -6.41 -22.31
N ARG A 155 4.16 -6.62 -22.60
CA ARG A 155 3.13 -5.59 -22.53
C ARG A 155 1.82 -6.31 -22.23
N PRO A 156 1.01 -5.75 -21.29
CA PRO A 156 -0.12 -6.52 -20.73
C PRO A 156 -1.34 -6.71 -21.66
N ASP A 157 -1.35 -6.05 -22.82
CA ASP A 157 -2.41 -6.30 -23.80
C ASP A 157 -2.08 -7.48 -24.75
N VAL A 158 -0.96 -8.15 -24.52
CA VAL A 158 -0.62 -9.38 -25.23
C VAL A 158 -0.88 -10.53 -24.24
N LEU A 159 -1.98 -11.25 -24.45
CA LEU A 159 -2.35 -12.39 -23.60
C LEU A 159 -2.09 -13.70 -24.34
N ALA A 160 -1.44 -14.65 -23.67
CA ALA A 160 -1.09 -15.93 -24.31
C ALA A 160 -1.32 -17.10 -23.35
N ARG A 161 -1.54 -18.28 -23.90
CA ARG A 161 -1.67 -19.49 -23.09
C ARG A 161 -0.27 -20.08 -22.86
N PHE A 162 0.10 -20.21 -21.59
CA PHE A 162 1.45 -20.68 -21.21
C PHE A 162 1.52 -22.15 -20.86
N THR A 163 2.59 -22.80 -21.31
N THR A 163 2.57 -22.84 -21.31
CA THR A 163 3.00 -24.06 -20.73
CA THR A 163 2.95 -24.08 -20.64
C THR A 163 4.43 -23.82 -20.26
C THR A 163 4.44 -24.05 -20.37
N THR A 164 4.82 -24.48 -19.17
CA THR A 164 6.13 -24.23 -18.60
C THR A 164 6.77 -25.53 -18.16
N LYS A 165 7.88 -25.88 -18.79
CA LYS A 165 8.64 -27.07 -18.40
C LYS A 165 9.86 -26.61 -17.64
N ILE A 166 10.12 -27.25 -16.51
CA ILE A 166 11.22 -26.83 -15.64
C ILE A 166 12.10 -28.04 -15.40
N ILE A 167 13.39 -27.87 -15.64
CA ILE A 167 14.36 -28.96 -15.47
C ILE A 167 15.38 -28.51 -14.45
N ALA A 168 15.66 -29.33 -13.45
CA ALA A 168 16.57 -28.89 -12.39
C ALA A 168 17.15 -30.04 -11.59
N ASP A 169 18.19 -29.73 -10.81
CA ASP A 169 18.75 -30.67 -9.85
C ASP A 169 17.70 -31.06 -8.82
N LYS A 170 17.45 -32.37 -8.69
CA LYS A 170 16.41 -32.86 -7.80
C LYS A 170 16.69 -32.62 -6.31
N ILE A 171 17.96 -32.72 -5.91
CA ILE A 171 18.32 -32.51 -4.51
C ILE A 171 18.17 -31.04 -4.09
N LYS A 172 18.68 -30.13 -4.92
CA LYS A 172 18.58 -28.70 -4.65
C LYS A 172 17.15 -28.18 -4.83
N TYR A 173 16.48 -28.66 -5.87
CA TYR A 173 15.17 -28.12 -6.25
C TYR A 173 14.10 -29.21 -6.38
N PRO A 174 13.72 -29.82 -5.24
CA PRO A 174 12.73 -30.89 -5.36
C PRO A 174 11.32 -30.43 -5.73
N PHE A 175 10.98 -29.16 -5.43
CA PHE A 175 9.72 -28.57 -5.88
C PHE A 175 9.96 -27.60 -7.04
N LEU A 176 9.29 -27.87 -8.17
CA LEU A 176 9.38 -27.04 -9.38
C LEU A 176 7.95 -26.62 -9.72
N LEU A 177 7.67 -25.34 -9.53
CA LEU A 177 6.31 -24.82 -9.61
C LEU A 177 6.20 -23.76 -10.70
N SER A 178 5.09 -23.79 -11.43
CA SER A 178 4.70 -22.65 -12.29
C SER A 178 3.17 -22.54 -12.26
N ASN A 179 2.61 -21.60 -13.03
CA ASN A 179 1.15 -21.35 -13.00
C ASN A 179 0.36 -22.56 -13.51
N GLY A 180 -0.78 -22.81 -12.88
CA GLY A 180 -1.73 -23.78 -13.41
C GLY A 180 -1.61 -25.15 -12.80
N ASN A 181 -1.71 -26.18 -13.66
CA ASN A 181 -1.74 -27.57 -13.25
C ASN A 181 -0.54 -28.34 -13.78
N ARG A 182 -0.09 -29.35 -13.02
CA ARG A 182 1.00 -30.22 -13.47
C ARG A 182 0.46 -31.16 -14.52
N VAL A 183 1.09 -31.18 -15.69
CA VAL A 183 0.62 -32.02 -16.79
C VAL A 183 1.63 -33.11 -17.21
N ALA A 184 2.86 -33.00 -16.72
CA ALA A 184 3.91 -33.96 -17.08
C ALA A 184 5.03 -33.86 -16.06
N GLN A 185 5.74 -34.96 -15.90
CA GLN A 185 6.89 -35.01 -15.00
C GLN A 185 7.79 -36.16 -15.42
N GLY A 186 9.07 -36.01 -15.18
CA GLY A 186 10.04 -37.01 -15.60
C GLY A 186 11.32 -36.94 -14.81
N GLU A 187 12.09 -38.02 -14.88
CA GLU A 187 13.39 -38.05 -14.26
C GLU A 187 14.43 -38.17 -15.34
N LEU A 188 15.61 -37.60 -15.08
CA LEU A 188 16.68 -37.57 -16.04
C LEU A 188 17.93 -38.13 -15.38
N GLU A 189 18.97 -38.34 -16.17
CA GLU A 189 20.25 -38.77 -15.61
C GLU A 189 20.94 -37.61 -14.91
N ASN A 190 21.99 -37.94 -14.14
CA ASN A 190 22.80 -36.94 -13.45
C ASN A 190 22.03 -36.17 -12.38
N GLY A 191 21.05 -36.85 -11.77
CA GLY A 191 20.29 -36.33 -10.63
C GLY A 191 19.36 -35.18 -10.94
N ARG A 192 18.93 -35.07 -12.20
CA ARG A 192 17.98 -34.02 -12.58
C ARG A 192 16.57 -34.58 -12.75
N HIS A 193 15.58 -33.71 -12.62
CA HIS A 193 14.19 -34.07 -12.88
C HIS A 193 13.47 -32.88 -13.52
N TRP A 194 12.26 -33.12 -13.99
CA TRP A 194 11.51 -32.06 -14.66
C TRP A 194 10.01 -32.19 -14.41
N VAL A 195 9.32 -31.06 -14.50
CA VAL A 195 7.87 -31.00 -14.33
C VAL A 195 7.40 -30.03 -15.40
N GLN A 196 6.25 -30.32 -15.99
CA GLN A 196 5.63 -29.36 -16.90
C GLN A 196 4.26 -28.93 -16.37
N TRP A 197 4.01 -27.62 -16.48
CA TRP A 197 2.78 -26.99 -16.00
C TRP A 197 2.03 -26.40 -17.18
N GLN A 198 0.70 -26.40 -17.10
CA GLN A 198 -0.13 -25.74 -18.10
C GLN A 198 -1.17 -24.88 -17.40
N ASP A 199 -1.34 -23.64 -17.87
CA ASP A 199 -2.35 -22.73 -17.32
C ASP A 199 -3.32 -22.41 -18.45
N PRO A 200 -4.60 -22.85 -18.33
CA PRO A 200 -5.51 -22.71 -19.46
C PRO A 200 -5.91 -21.27 -19.77
N PHE A 201 -5.77 -20.36 -18.80
CA PHE A 201 -6.23 -18.99 -19.00
C PHE A 201 -5.15 -18.15 -19.68
N PRO A 202 -5.47 -17.54 -20.85
CA PRO A 202 -4.52 -16.59 -21.47
C PRO A 202 -4.15 -15.52 -20.47
N LYS A 203 -2.87 -15.17 -20.44
CA LYS A 203 -2.41 -14.13 -19.52
C LYS A 203 -1.32 -13.27 -20.13
N PRO A 204 -1.22 -12.03 -19.64
CA PRO A 204 -0.05 -11.22 -19.96
C PRO A 204 1.13 -11.81 -19.20
N CYS A 205 2.35 -11.58 -19.68
CA CYS A 205 3.52 -12.23 -19.10
C CYS A 205 3.85 -11.72 -17.68
N TYR A 206 3.31 -10.56 -17.30
CA TYR A 206 3.58 -10.08 -15.94
C TYR A 206 3.01 -11.02 -14.89
N LEU A 207 2.07 -11.89 -15.30
CA LEU A 207 1.45 -12.86 -14.37
C LEU A 207 2.15 -14.23 -14.37
N PHE A 208 3.20 -14.35 -15.16
CA PHE A 208 4.01 -15.58 -15.17
C PHE A 208 4.76 -15.74 -13.85
N ALA A 209 4.80 -16.96 -13.31
CA ALA A 209 5.69 -17.22 -12.18
C ALA A 209 6.35 -18.58 -12.27
N LEU A 210 7.55 -18.64 -11.71
CA LEU A 210 8.30 -19.90 -11.55
C LEU A 210 8.94 -19.89 -10.18
N VAL A 211 8.89 -21.02 -9.50
CA VAL A 211 9.55 -21.21 -8.19
C VAL A 211 10.24 -22.56 -8.20
N ALA A 212 11.48 -22.60 -7.71
CA ALA A 212 12.20 -23.88 -7.55
C ALA A 212 12.90 -23.86 -6.20
N GLY A 213 12.75 -24.95 -5.45
CA GLY A 213 13.43 -25.00 -4.16
C GLY A 213 12.96 -26.14 -3.31
N ASP A 214 13.39 -26.11 -2.06
CA ASP A 214 12.98 -27.11 -1.08
C ASP A 214 12.15 -26.38 -0.02
N PHE A 215 10.96 -26.89 0.24
CA PHE A 215 10.03 -26.21 1.12
C PHE A 215 9.32 -27.19 2.02
N ASP A 216 8.82 -26.69 3.15
CA ASP A 216 7.72 -27.35 3.84
C ASP A 216 6.42 -26.85 3.19
N VAL A 217 5.41 -27.71 3.15
CA VAL A 217 4.16 -27.35 2.45
C VAL A 217 2.96 -27.61 3.34
N LEU A 218 2.18 -26.57 3.58
CA LEU A 218 0.90 -26.70 4.29
C LEU A 218 -0.20 -26.91 3.25
N ARG A 219 -0.89 -28.04 3.35
CA ARG A 219 -1.90 -28.41 2.36
C ARG A 219 -3.29 -28.40 2.97
N ASP A 220 -4.25 -27.82 2.27
CA ASP A 220 -5.62 -27.77 2.76
C ASP A 220 -6.53 -27.75 1.53
N THR A 221 -7.84 -27.65 1.74
N THR A 221 -7.83 -27.57 1.76
CA THR A 221 -8.76 -27.49 0.63
CA THR A 221 -8.81 -27.60 0.68
C THR A 221 -9.78 -26.41 0.91
C THR A 221 -9.87 -26.54 0.92
N PHE A 222 -10.41 -25.95 -0.16
CA PHE A 222 -11.56 -25.09 -0.09
C PHE A 222 -12.53 -25.58 -1.15
N THR A 223 -13.79 -25.74 -0.75
CA THR A 223 -14.80 -26.09 -1.73
C THR A 223 -15.65 -24.87 -2.05
N THR A 224 -15.70 -24.49 -3.32
CA THR A 224 -16.42 -23.29 -3.73
C THR A 224 -17.93 -23.48 -3.56
N ARG A 225 -18.67 -22.37 -3.62
N ARG A 225 -18.70 -22.40 -3.64
CA ARG A 225 -20.13 -22.41 -3.47
CA ARG A 225 -20.12 -22.50 -3.37
C ARG A 225 -20.72 -23.50 -4.37
C ARG A 225 -20.90 -23.29 -4.46
N SER A 226 -20.27 -23.51 -5.62
CA SER A 226 -20.85 -24.40 -6.66
C SER A 226 -20.28 -25.81 -6.63
N GLY A 227 -19.32 -26.04 -5.72
CA GLY A 227 -18.78 -27.39 -5.49
C GLY A 227 -17.42 -27.71 -6.07
N ARG A 228 -16.71 -26.71 -6.60
CA ARG A 228 -15.35 -26.92 -7.13
C ARG A 228 -14.42 -27.12 -5.93
N GLU A 229 -13.72 -28.25 -5.90
CA GLU A 229 -12.77 -28.48 -4.82
C GLU A 229 -11.43 -27.89 -5.23
N VAL A 230 -10.89 -27.02 -4.38
CA VAL A 230 -9.62 -26.38 -4.69
C VAL A 230 -8.56 -26.85 -3.71
N ALA A 231 -7.45 -27.35 -4.24
CA ALA A 231 -6.30 -27.72 -3.41
C ALA A 231 -5.55 -26.44 -3.06
N LEU A 232 -5.35 -26.21 -1.77
CA LEU A 232 -4.61 -25.02 -1.30
C LEU A 232 -3.24 -25.46 -0.83
N GLU A 233 -2.19 -24.78 -1.31
CA GLU A 233 -0.83 -25.19 -0.95
C GLU A 233 0.02 -23.99 -0.62
N LEU A 234 0.51 -23.93 0.62
CA LEU A 234 1.34 -22.83 1.07
C LEU A 234 2.76 -23.37 1.29
N TYR A 235 3.71 -22.85 0.49
CA TYR A 235 5.10 -23.27 0.51
C TYR A 235 5.89 -22.28 1.35
N VAL A 236 6.57 -22.80 2.37
CA VAL A 236 7.40 -21.96 3.25
C VAL A 236 8.76 -22.62 3.45
N ASP A 237 9.76 -21.83 3.85
CA ASP A 237 11.07 -22.41 4.11
C ASP A 237 10.97 -23.52 5.14
N ARG A 238 11.83 -24.54 5.00
CA ARG A 238 11.89 -25.62 5.96
C ARG A 238 11.98 -25.08 7.39
N GLY A 239 11.08 -25.55 8.24
CA GLY A 239 11.07 -25.17 9.65
C GLY A 239 10.01 -24.13 9.98
N ASN A 240 9.30 -23.64 8.97
CA ASN A 240 8.33 -22.55 9.16
C ASN A 240 6.85 -22.92 9.14
N LEU A 241 6.54 -24.22 9.15
N LEU A 241 6.53 -24.22 9.13
CA LEU A 241 5.17 -24.72 9.12
CA LEU A 241 5.14 -24.66 9.12
C LEU A 241 4.35 -24.27 10.34
C LEU A 241 4.35 -24.14 10.32
N ASP A 242 5.05 -23.94 11.42
CA ASP A 242 4.43 -23.42 12.65
C ASP A 242 3.90 -21.99 12.48
N ARG A 243 4.29 -21.35 11.39
CA ARG A 243 3.91 -19.96 11.15
C ARG A 243 2.96 -19.81 9.95
N ALA A 244 2.48 -20.92 9.42
CA ALA A 244 1.66 -20.90 8.18
C ALA A 244 0.11 -20.93 8.34
N PRO A 245 -0.44 -21.56 9.39
CA PRO A 245 -1.91 -21.68 9.50
C PRO A 245 -2.73 -20.39 9.40
N TRP A 246 -2.27 -19.28 9.95
CA TRP A 246 -3.08 -18.06 9.86
C TRP A 246 -3.25 -17.59 8.40
N ALA A 247 -2.16 -17.65 7.63
CA ALA A 247 -2.22 -17.29 6.21
C ALA A 247 -3.19 -18.21 5.47
N MET A 248 -3.13 -19.51 5.77
CA MET A 248 -4.07 -20.48 5.16
C MET A 248 -5.52 -20.15 5.52
N THR A 249 -5.75 -19.87 6.80
CA THR A 249 -7.08 -19.48 7.28
C THR A 249 -7.59 -18.23 6.54
N SER A 250 -6.70 -17.24 6.41
CA SER A 250 -7.03 -15.99 5.72
C SER A 250 -7.35 -16.23 4.22
N LEU A 251 -6.63 -17.16 3.59
CA LEU A 251 -6.91 -17.52 2.20
C LEU A 251 -8.34 -18.06 2.10
N LYS A 252 -8.68 -19.02 2.97
CA LYS A 252 -10.05 -19.56 2.96
C LYS A 252 -11.08 -18.46 3.24
N ASN A 253 -10.78 -17.58 4.20
CA ASN A 253 -11.67 -16.48 4.51
C ASN A 253 -11.89 -15.56 3.29
N SER A 254 -10.81 -15.28 2.56
N SER A 254 -10.83 -15.30 2.53
CA SER A 254 -10.87 -14.43 1.36
CA SER A 254 -10.91 -14.41 1.37
C SER A 254 -11.75 -15.08 0.29
C SER A 254 -11.66 -15.06 0.19
N MET A 255 -11.54 -16.38 0.07
CA MET A 255 -12.32 -17.13 -0.94
C MET A 255 -13.81 -17.07 -0.60
N LYS A 256 -14.13 -17.35 0.65
CA LYS A 256 -15.52 -17.31 1.10
C LYS A 256 -16.13 -15.90 0.95
N TRP A 257 -15.37 -14.88 1.33
CA TRP A 257 -15.89 -13.53 1.26
C TRP A 257 -16.14 -13.09 -0.17
N ASP A 258 -15.22 -13.41 -1.08
CA ASP A 258 -15.41 -12.95 -2.45
C ASP A 258 -16.67 -13.60 -3.02
N GLU A 259 -16.95 -14.85 -2.61
CA GLU A 259 -18.22 -15.50 -3.00
C GLU A 259 -19.44 -14.75 -2.44
N GLU A 260 -19.41 -14.48 -1.14
CA GLU A 260 -20.55 -13.84 -0.44
C GLU A 260 -20.81 -12.42 -0.91
N ARG A 261 -19.74 -11.62 -0.96
CA ARG A 261 -19.88 -10.20 -1.24
C ARG A 261 -19.96 -9.88 -2.73
N PHE A 262 -19.09 -10.48 -3.54
CA PHE A 262 -19.00 -10.18 -4.97
C PHE A 262 -19.50 -11.30 -5.90
N GLY A 263 -19.84 -12.44 -5.34
CA GLY A 263 -20.33 -13.56 -6.13
C GLY A 263 -19.27 -14.16 -7.04
N LEU A 264 -18.01 -14.11 -6.60
CA LEU A 264 -16.89 -14.56 -7.43
C LEU A 264 -16.28 -15.80 -6.82
N GLU A 265 -16.09 -16.83 -7.65
CA GLU A 265 -15.47 -18.07 -7.22
C GLU A 265 -14.10 -18.26 -7.88
N TYR A 266 -13.21 -18.98 -7.19
CA TYR A 266 -11.94 -19.35 -7.80
C TYR A 266 -12.18 -20.25 -9.02
N ASP A 267 -11.27 -20.20 -9.99
CA ASP A 267 -11.49 -20.73 -11.36
C ASP A 267 -10.52 -21.82 -11.78
N LEU A 268 -9.61 -22.17 -10.87
CA LEU A 268 -8.66 -23.23 -11.10
C LEU A 268 -8.74 -24.29 -9.99
N ASP A 269 -7.93 -25.33 -10.14
CA ASP A 269 -7.98 -26.52 -9.31
C ASP A 269 -7.01 -26.47 -8.12
N ILE A 270 -5.98 -25.62 -8.23
CA ILE A 270 -4.96 -25.49 -7.20
C ILE A 270 -4.72 -24.02 -6.98
N TYR A 271 -4.47 -23.65 -5.72
CA TYR A 271 -4.07 -22.30 -5.37
C TYR A 271 -2.77 -22.44 -4.59
N MET A 272 -1.66 -21.99 -5.18
CA MET A 272 -0.35 -22.04 -4.50
C MET A 272 0.07 -20.65 -4.05
N ILE A 273 0.65 -20.60 -2.85
CA ILE A 273 1.31 -19.39 -2.35
C ILE A 273 2.70 -19.81 -1.91
N VAL A 274 3.71 -19.04 -2.31
CA VAL A 274 5.08 -19.29 -1.87
C VAL A 274 5.58 -18.08 -1.09
N ALA A 275 6.05 -18.31 0.14
CA ALA A 275 6.62 -17.23 0.96
C ALA A 275 8.12 -17.17 0.75
N VAL A 276 8.61 -16.03 0.26
CA VAL A 276 10.05 -15.84 0.04
C VAL A 276 10.59 -14.66 0.87
N ASP A 277 11.84 -14.77 1.34
CA ASP A 277 12.40 -13.74 2.23
C ASP A 277 12.91 -12.50 1.48
N PHE A 278 13.27 -12.69 0.21
CA PHE A 278 13.85 -11.61 -0.60
C PHE A 278 12.83 -11.18 -1.67
N PHE A 279 12.23 -10.01 -1.46
CA PHE A 279 11.11 -9.58 -2.31
C PHE A 279 10.96 -8.06 -2.16
N ASN A 280 10.87 -7.36 -3.29
CA ASN A 280 10.86 -5.89 -3.28
C ASN A 280 9.56 -5.27 -2.81
N MET A 281 8.47 -5.96 -3.01
N MET A 281 8.47 -5.95 -3.16
CA MET A 281 7.20 -5.38 -2.58
CA MET A 281 7.12 -5.51 -2.85
C MET A 281 6.56 -6.22 -1.49
C MET A 281 6.56 -6.37 -1.69
N GLY A 282 5.24 -6.34 -1.54
CA GLY A 282 4.53 -7.06 -0.52
C GLY A 282 4.20 -8.46 -1.00
N ALA A 283 3.53 -8.55 -2.13
CA ALA A 283 3.11 -9.86 -2.65
C ALA A 283 2.66 -9.71 -4.10
N MET A 284 2.47 -10.83 -4.80
CA MET A 284 2.23 -10.75 -6.22
C MET A 284 1.21 -11.78 -6.65
N GLU A 285 0.24 -11.35 -7.44
CA GLU A 285 -0.96 -12.13 -7.77
C GLU A 285 -0.80 -13.11 -8.96
N ASN A 286 0.40 -13.66 -9.18
CA ASN A 286 0.60 -14.54 -10.36
C ASN A 286 -0.47 -15.63 -10.36
N LYS A 287 -1.07 -15.90 -11.53
CA LYS A 287 -2.26 -16.77 -11.62
C LYS A 287 -1.97 -18.15 -11.01
N GLY A 288 -2.70 -18.49 -9.95
CA GLY A 288 -2.58 -19.81 -9.30
C GLY A 288 -1.28 -20.06 -8.56
N LEU A 289 -0.37 -19.09 -8.58
CA LEU A 289 0.93 -19.27 -7.93
C LEU A 289 1.39 -17.92 -7.41
N ASN A 290 0.77 -17.46 -6.33
CA ASN A 290 1.12 -16.15 -5.77
C ASN A 290 2.49 -16.27 -5.14
N ILE A 291 3.29 -15.22 -5.24
CA ILE A 291 4.57 -15.19 -4.53
C ILE A 291 4.50 -14.01 -3.55
N PHE A 292 4.78 -14.30 -2.28
CA PHE A 292 4.60 -13.35 -1.17
C PHE A 292 5.91 -13.06 -0.45
N ASN A 293 6.14 -11.81 -0.09
CA ASN A 293 7.16 -11.49 0.91
C ASN A 293 6.74 -12.25 2.19
N SER A 294 7.66 -12.98 2.81
N SER A 294 7.70 -12.93 2.82
CA SER A 294 7.31 -13.75 4.02
CA SER A 294 7.45 -13.71 4.05
C SER A 294 6.67 -12.87 5.12
C SER A 294 6.84 -12.89 5.19
N LYS A 295 6.95 -11.57 5.10
CA LYS A 295 6.32 -10.65 6.09
C LYS A 295 4.79 -10.72 6.04
N TYR A 296 4.25 -11.07 4.87
CA TYR A 296 2.80 -11.12 4.71
C TYR A 296 2.25 -12.54 4.68
N VAL A 297 3.04 -13.48 5.20
CA VAL A 297 2.60 -14.86 5.39
C VAL A 297 2.85 -15.36 6.82
N LEU A 298 4.09 -15.20 7.32
CA LEU A 298 4.48 -15.93 8.56
C LEU A 298 4.04 -15.25 9.84
N ALA A 299 3.29 -15.99 10.67
CA ALA A 299 2.82 -15.45 11.98
C ALA A 299 2.66 -16.55 13.01
N ARG A 300 3.12 -16.24 14.22
CA ARG A 300 2.86 -17.04 15.42
C ARG A 300 2.66 -16.00 16.51
N THR A 301 1.98 -16.36 17.61
CA THR A 301 1.62 -15.33 18.59
C THR A 301 2.82 -14.70 19.28
N ASP A 302 3.96 -15.41 19.32
CA ASP A 302 5.15 -14.84 19.94
C ASP A 302 6.05 -14.04 18.97
N THR A 303 5.74 -14.11 17.68
CA THR A 303 6.56 -13.42 16.66
C THR A 303 5.82 -12.28 15.96
N ALA A 304 4.50 -12.31 15.97
CA ALA A 304 3.70 -11.39 15.16
C ALA A 304 2.70 -10.65 16.03
N THR A 305 2.46 -9.38 15.70
CA THR A 305 1.52 -8.53 16.45
C THR A 305 0.12 -8.65 15.84
N ASP A 306 -0.88 -8.09 16.52
CA ASP A 306 -2.24 -7.97 15.99
C ASP A 306 -2.17 -7.32 14.60
N LYS A 307 -1.37 -6.27 14.47
CA LYS A 307 -1.22 -5.55 13.19
C LYS A 307 -0.71 -6.50 12.10
N ASP A 308 0.31 -7.31 12.42
CA ASP A 308 0.83 -8.32 11.48
C ASP A 308 -0.29 -9.29 11.05
N TYR A 309 -1.08 -9.76 12.00
CA TYR A 309 -2.16 -10.69 11.67
C TYR A 309 -3.14 -10.05 10.69
N LEU A 310 -3.54 -8.82 10.98
CA LEU A 310 -4.50 -8.12 10.14
C LEU A 310 -3.89 -7.72 8.78
N ASP A 311 -2.59 -7.45 8.75
CA ASP A 311 -1.91 -7.19 7.47
C ASP A 311 -1.80 -8.44 6.61
N ILE A 312 -1.51 -9.58 7.24
CA ILE A 312 -1.50 -10.85 6.50
C ILE A 312 -2.89 -11.11 5.91
N GLU A 313 -3.93 -10.90 6.72
CA GLU A 313 -5.29 -11.03 6.23
C GLU A 313 -5.55 -10.13 5.02
N ARG A 314 -5.17 -8.85 5.14
CA ARG A 314 -5.36 -7.86 4.09
C ARG A 314 -4.66 -8.27 2.78
N VAL A 315 -3.40 -8.67 2.90
CA VAL A 315 -2.56 -8.91 1.72
C VAL A 315 -2.89 -10.26 1.09
N ILE A 316 -3.11 -11.29 1.92
CA ILE A 316 -3.64 -12.56 1.38
C ILE A 316 -4.93 -12.24 0.59
N GLY A 317 -5.86 -11.50 1.20
CA GLY A 317 -7.10 -11.14 0.52
C GLY A 317 -6.81 -10.40 -0.78
N HIS A 318 -5.98 -9.35 -0.68
CA HIS A 318 -5.62 -8.53 -1.84
C HIS A 318 -5.21 -9.38 -3.05
N GLU A 319 -4.22 -10.25 -2.86
CA GLU A 319 -3.70 -11.04 -3.98
C GLU A 319 -4.79 -11.99 -4.51
N TYR A 320 -5.57 -12.55 -3.59
CA TYR A 320 -6.69 -13.41 -4.00
C TYR A 320 -7.72 -12.62 -4.84
N PHE A 321 -8.04 -11.40 -4.42
CA PHE A 321 -9.05 -10.59 -5.09
C PHE A 321 -8.60 -10.22 -6.50
N HIS A 322 -7.28 -10.13 -6.70
CA HIS A 322 -6.73 -9.88 -8.03
C HIS A 322 -7.09 -10.98 -9.02
N ASN A 323 -7.43 -12.18 -8.51
CA ASN A 323 -7.77 -13.26 -9.45
C ASN A 323 -8.84 -12.82 -10.46
N TRP A 324 -9.80 -12.01 -10.00
CA TRP A 324 -10.79 -11.42 -10.91
C TRP A 324 -10.39 -10.02 -11.34
N THR A 325 -10.02 -9.18 -10.38
CA THR A 325 -9.75 -7.77 -10.70
C THR A 325 -8.24 -7.60 -10.93
N GLY A 326 -7.79 -8.03 -12.11
CA GLY A 326 -6.38 -8.00 -12.47
C GLY A 326 -6.00 -9.17 -13.37
N ASN A 327 -6.53 -10.36 -13.09
CA ASN A 327 -6.16 -11.56 -13.85
C ASN A 327 -7.22 -11.91 -14.90
N ARG A 328 -8.43 -12.26 -14.47
CA ARG A 328 -9.52 -12.53 -15.44
C ARG A 328 -9.83 -11.31 -16.32
N VAL A 329 -9.79 -10.11 -15.71
CA VAL A 329 -9.73 -8.87 -16.49
C VAL A 329 -8.43 -8.17 -16.11
N THR A 330 -7.55 -7.97 -17.10
CA THR A 330 -6.24 -7.36 -16.87
C THR A 330 -6.18 -5.93 -17.42
N CYS A 331 -4.97 -5.37 -17.51
CA CYS A 331 -4.77 -3.96 -17.89
C CYS A 331 -4.26 -3.88 -19.32
N ARG A 332 -4.90 -3.02 -20.14
CA ARG A 332 -4.45 -2.82 -21.52
C ARG A 332 -3.00 -2.31 -21.61
N ASP A 333 -2.62 -1.46 -20.67
CA ASP A 333 -1.30 -0.86 -20.63
C ASP A 333 -1.05 -0.43 -19.19
N TRP A 334 0.19 -0.11 -18.86
CA TRP A 334 0.54 0.18 -17.46
C TRP A 334 -0.01 1.50 -16.93
N PHE A 335 -0.40 2.40 -17.82
CA PHE A 335 -1.07 3.64 -17.37
C PHE A 335 -2.42 3.31 -16.72
N GLN A 336 -2.98 2.13 -17.05
CA GLN A 336 -4.24 1.67 -16.46
C GLN A 336 -4.04 0.88 -15.15
N LEU A 337 -2.86 0.98 -14.53
CA LEU A 337 -2.59 0.20 -13.32
C LEU A 337 -3.69 0.29 -12.25
N SER A 338 -4.21 1.49 -12.02
CA SER A 338 -5.27 1.68 -11.02
C SER A 338 -6.54 0.88 -11.31
N LEU A 339 -6.79 0.56 -12.58
CA LEU A 339 -7.92 -0.32 -12.95
C LEU A 339 -7.93 -1.58 -12.08
N LYS A 340 -6.76 -2.17 -11.88
CA LYS A 340 -6.66 -3.33 -10.99
C LYS A 340 -6.31 -2.96 -9.55
N GLU A 341 -5.45 -1.94 -9.35
CA GLU A 341 -5.00 -1.65 -7.98
C GLU A 341 -6.02 -0.89 -7.15
N GLY A 342 -6.61 0.17 -7.70
CA GLY A 342 -7.67 0.92 -6.99
C GLY A 342 -8.79 -0.03 -6.60
N LEU A 343 -9.23 -0.84 -7.57
CA LEU A 343 -10.37 -1.73 -7.35
C LEU A 343 -10.01 -2.87 -6.39
N THR A 344 -8.81 -3.41 -6.50
CA THR A 344 -8.42 -4.50 -5.58
C THR A 344 -8.13 -4.00 -4.16
N VAL A 345 -7.55 -2.81 -4.03
CA VAL A 345 -7.42 -2.16 -2.72
C VAL A 345 -8.80 -1.93 -2.09
N PHE A 346 -9.73 -1.39 -2.88
CA PHE A 346 -11.12 -1.25 -2.41
C PHE A 346 -11.67 -2.60 -1.90
N ARG A 347 -11.46 -3.65 -2.68
CA ARG A 347 -11.89 -4.98 -2.28
C ARG A 347 -11.21 -5.45 -0.99
N ASP A 348 -9.90 -5.28 -0.86
CA ASP A 348 -9.22 -5.70 0.39
C ASP A 348 -9.73 -4.89 1.60
N GLN A 349 -10.05 -3.61 1.40
CA GLN A 349 -10.58 -2.77 2.48
C GLN A 349 -11.98 -3.24 2.89
N GLU A 350 -12.80 -3.56 1.90
CA GLU A 350 -14.16 -4.06 2.15
C GLU A 350 -14.13 -5.42 2.87
N PHE A 351 -13.20 -6.27 2.47
CA PHE A 351 -12.96 -7.57 3.10
C PHE A 351 -12.61 -7.36 4.58
N SER A 352 -11.56 -6.58 4.83
CA SER A 352 -11.13 -6.31 6.19
C SER A 352 -12.23 -5.67 7.04
N SER A 353 -12.95 -4.73 6.43
CA SER A 353 -14.03 -3.99 7.12
C SER A 353 -15.22 -4.89 7.46
N ASP A 354 -15.57 -5.80 6.54
CA ASP A 354 -16.68 -6.73 6.79
C ASP A 354 -16.31 -7.69 7.90
N LEU A 355 -15.12 -8.29 7.81
CA LEU A 355 -14.70 -9.27 8.81
C LEU A 355 -14.38 -8.67 10.18
N GLY A 356 -13.88 -7.44 10.19
CA GLY A 356 -13.37 -6.79 11.41
C GLY A 356 -14.20 -5.57 11.79
N SER A 357 -13.54 -4.56 12.32
CA SER A 357 -14.21 -3.30 12.63
C SER A 357 -14.20 -2.39 11.41
N ARG A 358 -15.39 -2.10 10.87
CA ARG A 358 -15.44 -1.17 9.73
C ARG A 358 -14.91 0.20 10.12
N ALA A 359 -15.30 0.70 11.28
CA ALA A 359 -14.82 2.02 11.73
C ALA A 359 -13.30 2.09 11.84
N VAL A 360 -12.67 1.08 12.46
CA VAL A 360 -11.21 1.09 12.62
C VAL A 360 -10.53 1.03 11.24
N ASN A 361 -11.02 0.16 10.37
CA ASN A 361 -10.48 0.13 9.01
C ASN A 361 -10.59 1.47 8.30
N ARG A 362 -11.76 2.09 8.35
CA ARG A 362 -11.96 3.38 7.68
C ARG A 362 -11.04 4.44 8.28
N ILE A 363 -11.01 4.53 9.60
CA ILE A 363 -10.09 5.45 10.28
C ILE A 363 -8.65 5.25 9.79
N ASN A 364 -8.16 4.02 9.77
CA ASN A 364 -6.78 3.77 9.38
C ASN A 364 -6.48 4.10 7.93
N ASN A 365 -7.46 3.82 7.07
CA ASN A 365 -7.31 4.13 5.66
C ASN A 365 -7.32 5.64 5.41
N VAL A 366 -8.09 6.36 6.20
CA VAL A 366 -8.13 7.82 6.12
C VAL A 366 -6.83 8.44 6.65
N ARG A 367 -6.28 7.90 7.75
CA ARG A 367 -4.96 8.31 8.22
CA ARG A 367 -4.96 8.32 8.24
C ARG A 367 -3.92 8.20 7.11
N THR A 368 -3.95 7.09 6.38
CA THR A 368 -3.01 6.88 5.28
C THR A 368 -3.21 7.91 4.17
N MET A 369 -4.46 8.16 3.82
CA MET A 369 -4.78 9.16 2.78
C MET A 369 -4.30 10.56 3.18
N ARG A 370 -4.74 11.02 4.35
CA ARG A 370 -4.40 12.39 4.77
C ARG A 370 -2.93 12.59 5.12
N GLY A 371 -2.30 11.55 5.68
CA GLY A 371 -0.94 11.68 6.18
C GLY A 371 0.17 11.29 5.23
N LEU A 372 -0.11 10.39 4.30
CA LEU A 372 0.90 9.92 3.35
C LEU A 372 0.54 10.22 1.90
N GLN A 373 -0.70 9.95 1.50
CA GLN A 373 -1.06 10.16 0.09
C GLN A 373 -1.15 11.64 -0.26
N PHE A 374 -1.78 12.45 0.60
CA PHE A 374 -1.84 13.91 0.37
C PHE A 374 -0.41 14.47 0.17
N ALA A 375 0.54 14.00 0.98
CA ALA A 375 1.95 14.41 0.85
C ALA A 375 2.46 14.12 -0.56
N GLU A 376 2.20 12.92 -1.06
CA GLU A 376 2.61 12.58 -2.42
C GLU A 376 1.97 13.50 -3.47
N ASP A 377 0.69 13.79 -3.29
CA ASP A 377 -0.05 14.66 -4.23
C ASP A 377 0.42 16.12 -4.18
N ALA A 378 1.17 16.48 -3.14
CA ALA A 378 1.76 17.83 -2.98
C ALA A 378 3.26 17.83 -3.31
N SER A 379 3.73 16.73 -3.93
CA SER A 379 5.16 16.54 -4.16
C SER A 379 5.51 16.61 -5.65
N PRO A 380 6.83 16.67 -5.97
CA PRO A 380 7.24 16.63 -7.39
C PRO A 380 6.80 15.36 -8.14
N MET A 381 6.49 14.29 -7.40
CA MET A 381 6.10 13.02 -8.03
C MET A 381 4.57 12.94 -8.23
N ALA A 382 3.86 14.04 -8.00
CA ALA A 382 2.39 14.04 -8.12
C ALA A 382 1.93 13.49 -9.49
N HIS A 383 0.90 12.63 -9.47
CA HIS A 383 0.33 12.09 -10.72
C HIS A 383 -1.15 11.79 -10.52
N PRO A 384 -1.93 11.78 -11.62
CA PRO A 384 -3.31 11.30 -11.52
C PRO A 384 -3.28 9.79 -11.25
N ILE A 385 -4.39 9.25 -10.73
CA ILE A 385 -4.46 7.79 -10.51
C ILE A 385 -4.25 7.00 -11.81
N ARG A 386 -4.60 7.62 -12.95
CA ARG A 386 -4.21 7.11 -14.27
C ARG A 386 -3.11 8.04 -14.81
N PRO A 387 -1.82 7.68 -14.62
CA PRO A 387 -0.74 8.58 -15.09
C PRO A 387 -0.76 8.84 -16.59
N ASP A 388 -0.24 10.01 -16.96
CA ASP A 388 -0.09 10.38 -18.37
C ASP A 388 1.31 10.18 -18.92
N MET A 389 2.31 10.18 -18.03
CA MET A 389 3.73 10.13 -18.39
C MET A 389 4.50 9.31 -17.34
N VAL A 390 5.26 8.34 -17.82
CA VAL A 390 6.04 7.46 -16.96
C VAL A 390 7.41 7.22 -17.60
N ILE A 391 8.48 7.37 -16.81
CA ILE A 391 9.81 6.96 -17.26
C ILE A 391 10.09 5.53 -16.81
N GLU A 392 9.93 5.27 -15.51
CA GLU A 392 10.14 3.93 -14.95
C GLU A 392 8.84 3.47 -14.27
N MET A 393 8.20 2.47 -14.86
CA MET A 393 6.87 2.08 -14.35
C MET A 393 6.92 1.59 -12.90
N ASN A 394 8.06 1.05 -12.48
CA ASN A 394 8.17 0.61 -11.08
C ASN A 394 8.03 1.76 -10.07
N ASN A 395 8.22 3.00 -10.54
CA ASN A 395 7.98 4.19 -9.70
C ASN A 395 6.49 4.54 -9.47
N PHE A 396 5.58 3.84 -10.14
CA PHE A 396 4.16 4.20 -10.12
C PHE A 396 3.27 3.20 -9.37
N TYR A 397 3.92 2.38 -8.54
CA TYR A 397 3.20 1.52 -7.59
C TYR A 397 3.02 2.32 -6.32
N THR A 398 2.10 3.29 -6.37
CA THR A 398 2.12 4.40 -5.40
C THR A 398 0.89 4.49 -4.51
N LEU A 399 1.04 5.22 -3.41
CA LEU A 399 -0.10 5.64 -2.59
C LEU A 399 -1.23 6.21 -3.43
N THR A 400 -0.88 6.97 -4.48
CA THR A 400 -1.89 7.54 -5.34
C THR A 400 -2.65 6.47 -6.14
N VAL A 401 -1.91 5.63 -6.86
CA VAL A 401 -2.52 4.61 -7.71
C VAL A 401 -3.36 3.60 -6.89
N TYR A 402 -2.82 3.23 -5.74
CA TYR A 402 -3.45 2.26 -4.82
C TYR A 402 -4.51 2.89 -3.94
N GLU A 403 -4.06 3.71 -2.99
CA GLU A 403 -4.98 4.22 -1.95
C GLU A 403 -5.93 5.31 -2.46
N LYS A 404 -5.43 6.31 -3.19
CA LYS A 404 -6.35 7.26 -3.81
C LYS A 404 -7.22 6.54 -4.86
N GLY A 405 -6.59 5.61 -5.60
CA GLY A 405 -7.33 4.77 -6.55
C GLY A 405 -8.55 4.13 -5.89
N ALA A 406 -8.35 3.58 -4.69
CA ALA A 406 -9.44 2.97 -3.92
C ALA A 406 -10.50 3.99 -3.48
N GLU A 407 -10.04 5.18 -3.09
CA GLU A 407 -10.99 6.25 -2.72
C GLU A 407 -11.89 6.60 -3.91
N VAL A 408 -11.31 6.58 -5.12
CA VAL A 408 -12.07 6.82 -6.33
C VAL A 408 -13.12 5.72 -6.58
N ILE A 409 -12.73 4.45 -6.43
CA ILE A 409 -13.69 3.35 -6.50
C ILE A 409 -14.79 3.54 -5.43
N ARG A 410 -14.37 3.89 -4.21
CA ARG A 410 -15.32 4.09 -3.11
C ARG A 410 -16.30 5.23 -3.41
N MET A 411 -15.84 6.30 -4.08
CA MET A 411 -16.76 7.36 -4.52
C MET A 411 -17.81 6.86 -5.49
N ILE A 412 -17.41 6.01 -6.45
CA ILE A 412 -18.38 5.35 -7.32
C ILE A 412 -19.40 4.57 -6.49
N HIS A 413 -18.91 3.79 -5.51
CA HIS A 413 -19.78 3.02 -4.63
C HIS A 413 -20.75 3.96 -3.88
N THR A 414 -20.23 5.09 -3.42
CA THR A 414 -21.07 6.08 -2.72
C THR A 414 -22.18 6.66 -3.64
N LEU A 415 -21.80 6.97 -4.88
CA LEU A 415 -22.74 7.53 -5.85
C LEU A 415 -23.77 6.52 -6.31
N LEU A 416 -23.38 5.25 -6.38
CA LEU A 416 -24.25 4.21 -6.96
C LEU A 416 -25.04 3.42 -5.95
N GLY A 417 -24.45 3.21 -4.77
CA GLY A 417 -24.99 2.30 -3.76
C GLY A 417 -24.57 0.86 -4.08
N GLU A 418 -24.63 0.00 -3.08
CA GLU A 418 -24.11 -1.37 -3.22
C GLU A 418 -24.74 -2.15 -4.39
N GLU A 419 -26.06 -2.08 -4.49
CA GLU A 419 -26.76 -2.87 -5.51
C GLU A 419 -26.33 -2.49 -6.93
N ASN A 420 -26.38 -1.19 -7.24
CA ASN A 420 -25.93 -0.68 -8.53
C ASN A 420 -24.44 -0.94 -8.77
N PHE A 421 -23.64 -0.81 -7.71
CA PHE A 421 -22.20 -1.06 -7.82
C PHE A 421 -21.94 -2.51 -8.24
N GLN A 422 -22.66 -3.43 -7.61
CA GLN A 422 -22.51 -4.85 -7.95
C GLN A 422 -23.02 -5.14 -9.37
N LYS A 423 -24.10 -4.49 -9.78
CA LYS A 423 -24.51 -4.58 -11.21
C LYS A 423 -23.38 -4.12 -12.14
N GLY A 424 -22.72 -3.02 -11.79
CA GLY A 424 -21.57 -2.53 -12.55
C GLY A 424 -20.43 -3.54 -12.60
N MET A 425 -20.13 -4.16 -11.45
CA MET A 425 -19.07 -5.19 -11.42
C MET A 425 -19.47 -6.32 -12.38
N GLN A 426 -20.73 -6.72 -12.34
CA GLN A 426 -21.22 -7.81 -13.17
C GLN A 426 -21.10 -7.49 -14.65
N LEU A 427 -21.47 -6.26 -15.03
CA LEU A 427 -21.35 -5.83 -16.42
C LEU A 427 -19.88 -5.72 -16.85
N TYR A 428 -19.03 -5.23 -15.95
CA TYR A 428 -17.58 -5.15 -16.20
C TYR A 428 -17.02 -6.53 -16.57
N PHE A 429 -17.31 -7.54 -15.75
CA PHE A 429 -16.83 -8.89 -16.04
C PHE A 429 -17.48 -9.47 -17.31
N GLU A 430 -18.78 -9.25 -17.48
CA GLU A 430 -19.46 -9.78 -18.66
C GLU A 430 -18.80 -9.25 -19.94
N ARG A 431 -18.49 -7.96 -19.96
CA ARG A 431 -17.88 -7.35 -21.14
C ARG A 431 -16.42 -7.71 -21.34
N HIS A 432 -15.67 -7.80 -20.24
CA HIS A 432 -14.22 -7.75 -20.31
C HIS A 432 -13.47 -9.00 -19.83
N ASP A 433 -14.22 -10.00 -19.33
CA ASP A 433 -13.60 -11.25 -18.91
C ASP A 433 -12.74 -11.81 -20.05
N GLY A 434 -11.52 -12.20 -19.75
CA GLY A 434 -10.60 -12.78 -20.75
C GLY A 434 -9.87 -11.75 -21.60
N SER A 435 -9.94 -10.47 -21.21
CA SER A 435 -9.30 -9.40 -21.97
C SER A 435 -8.54 -8.41 -21.10
N ALA A 436 -7.79 -7.52 -21.74
CA ALA A 436 -7.09 -6.41 -21.09
C ALA A 436 -7.94 -5.16 -21.29
N ALA A 437 -8.29 -4.47 -20.20
CA ALA A 437 -9.23 -3.35 -20.29
C ALA A 437 -8.59 -2.05 -19.80
N THR A 438 -9.36 -0.95 -19.85
CA THR A 438 -8.90 0.36 -19.41
C THR A 438 -9.74 0.90 -18.23
N CYS A 439 -9.19 1.87 -17.52
CA CYS A 439 -9.95 2.58 -16.49
C CYS A 439 -11.28 3.05 -17.06
N ASP A 440 -11.24 3.61 -18.26
CA ASP A 440 -12.47 4.12 -18.88
C ASP A 440 -13.51 3.02 -19.09
N ASP A 441 -13.06 1.82 -19.48
CA ASP A 441 -13.97 0.68 -19.65
C ASP A 441 -14.73 0.40 -18.36
N PHE A 442 -14.00 0.42 -17.25
CA PHE A 442 -14.60 0.15 -15.94
C PHE A 442 -15.64 1.22 -15.58
N VAL A 443 -15.28 2.48 -15.75
CA VAL A 443 -16.23 3.58 -15.44
C VAL A 443 -17.47 3.44 -16.33
N GLN A 444 -17.26 3.14 -17.61
CA GLN A 444 -18.39 2.96 -18.51
C GLN A 444 -19.32 1.82 -18.06
N ALA A 445 -18.74 0.71 -17.59
CA ALA A 445 -19.58 -0.40 -17.12
C ALA A 445 -20.43 0.05 -15.92
N MET A 446 -19.82 0.80 -15.00
CA MET A 446 -20.54 1.29 -13.83
C MET A 446 -21.68 2.23 -14.24
N GLU A 447 -21.38 3.13 -15.15
CA GLU A 447 -22.34 4.10 -15.65
C GLU A 447 -23.49 3.38 -16.40
N ASP A 448 -23.14 2.44 -17.27
CA ASP A 448 -24.15 1.71 -18.05
C ASP A 448 -25.06 0.84 -17.18
N ALA A 449 -24.49 0.17 -16.19
CA ALA A 449 -25.27 -0.74 -15.34
C ALA A 449 -26.22 0.02 -14.40
N SER A 450 -25.77 1.19 -13.94
CA SER A 450 -26.49 1.93 -12.91
C SER A 450 -27.38 3.05 -13.44
N ASN A 451 -27.12 3.48 -14.67
CA ASN A 451 -27.75 4.68 -15.23
C ASN A 451 -27.40 5.95 -14.44
N VAL A 452 -26.28 5.91 -13.72
CA VAL A 452 -25.75 7.12 -13.08
C VAL A 452 -24.70 7.73 -14.01
N ASP A 453 -24.83 9.02 -14.30
CA ASP A 453 -23.92 9.71 -15.22
C ASP A 453 -22.56 9.94 -14.54
N LEU A 454 -21.51 9.31 -15.07
CA LEU A 454 -20.15 9.46 -14.52
C LEU A 454 -19.21 10.19 -15.48
N SER A 455 -19.78 10.95 -16.42
CA SER A 455 -18.94 11.66 -17.39
C SER A 455 -18.04 12.70 -16.70
N HIS A 456 -18.63 13.49 -15.80
CA HIS A 456 -17.81 14.45 -15.06
C HIS A 456 -16.88 13.74 -14.08
N PHE A 457 -17.41 12.68 -13.48
CA PHE A 457 -16.66 11.89 -12.49
C PHE A 457 -15.33 11.39 -13.06
N ARG A 458 -15.31 11.05 -14.35
CA ARG A 458 -14.06 10.58 -14.99
C ARG A 458 -12.87 11.51 -14.77
N ARG A 459 -13.10 12.80 -14.52
CA ARG A 459 -11.99 13.72 -14.29
C ARG A 459 -11.11 13.31 -13.11
N TRP A 460 -11.66 12.54 -12.17
CA TRP A 460 -10.84 12.02 -11.08
C TRP A 460 -9.70 11.14 -11.59
N TYR A 461 -9.87 10.56 -12.78
CA TYR A 461 -8.79 9.74 -13.35
C TYR A 461 -7.66 10.54 -13.97
N SER A 462 -7.97 11.76 -14.42
N SER A 462 -7.96 11.74 -14.47
CA SER A 462 -7.02 12.56 -15.22
CA SER A 462 -6.93 12.50 -15.19
C SER A 462 -6.35 13.69 -14.45
C SER A 462 -6.41 13.76 -14.51
N GLN A 463 -6.93 14.05 -13.31
CA GLN A 463 -6.46 15.20 -12.53
C GLN A 463 -5.74 14.83 -11.25
N SER A 464 -4.52 15.35 -11.08
CA SER A 464 -3.72 15.07 -9.89
C SER A 464 -3.98 16.13 -8.83
N GLY A 465 -3.39 15.95 -7.65
CA GLY A 465 -3.50 16.93 -6.55
C GLY A 465 -4.76 16.72 -5.71
N THR A 466 -4.75 17.29 -4.51
CA THR A 466 -5.84 17.13 -3.57
C THR A 466 -6.78 18.32 -3.63
N PRO A 467 -8.08 18.09 -3.95
CA PRO A 467 -9.00 19.24 -3.91
C PRO A 467 -9.18 19.75 -2.49
N ILE A 468 -9.40 21.04 -2.39
CA ILE A 468 -9.73 21.69 -1.14
C ILE A 468 -11.19 22.14 -1.23
N VAL A 469 -12.01 21.65 -0.32
CA VAL A 469 -13.42 21.97 -0.30
C VAL A 469 -13.70 22.90 0.88
N THR A 470 -14.18 24.10 0.58
CA THR A 470 -14.46 25.13 1.60
C THR A 470 -15.96 25.21 1.83
N VAL A 471 -16.37 25.16 3.09
CA VAL A 471 -17.79 25.16 3.42
C VAL A 471 -18.09 26.37 4.32
N LYS A 472 -19.12 27.10 3.94
CA LYS A 472 -19.68 28.16 4.80
C LYS A 472 -21.15 27.84 5.01
N ASP A 473 -21.67 28.18 6.18
CA ASP A 473 -23.07 27.88 6.44
C ASP A 473 -23.84 29.05 7.04
N ASP A 474 -25.15 28.96 6.96
CA ASP A 474 -26.02 29.95 7.55
C ASP A 474 -27.29 29.29 8.02
N TYR A 475 -27.74 29.66 9.21
CA TYR A 475 -29.05 29.22 9.67
C TYR A 475 -29.99 30.41 9.73
N ASN A 476 -31.16 30.27 9.09
CA ASN A 476 -32.16 31.34 9.08
C ASN A 476 -33.35 30.96 9.97
N PRO A 477 -33.44 31.57 11.17
CA PRO A 477 -34.52 31.17 12.09
C PRO A 477 -35.91 31.61 11.60
N GLU A 478 -35.98 32.64 10.76
CA GLU A 478 -37.27 33.09 10.23
C GLU A 478 -37.89 32.04 9.31
N THR A 479 -37.05 31.38 8.51
CA THR A 479 -37.55 30.45 7.49
C THR A 479 -37.26 28.98 7.84
N GLU A 480 -36.49 28.77 8.92
CA GLU A 480 -36.06 27.43 9.33
C GLU A 480 -35.33 26.73 8.19
N GLN A 481 -34.46 27.49 7.54
CA GLN A 481 -33.63 26.98 6.45
C GLN A 481 -32.17 27.03 6.83
N TYR A 482 -31.45 25.97 6.47
CA TYR A 482 -30.02 25.88 6.65
C TYR A 482 -29.40 25.88 5.27
N THR A 483 -28.43 26.79 5.07
CA THR A 483 -27.79 26.94 3.77
C THR A 483 -26.31 26.60 3.85
N LEU A 484 -25.87 25.69 2.98
CA LEU A 484 -24.44 25.37 2.84
C LEU A 484 -23.94 25.94 1.54
N THR A 485 -22.90 26.76 1.62
CA THR A 485 -22.22 27.28 0.44
C THR A 485 -20.88 26.57 0.34
N ILE A 486 -20.74 25.77 -0.71
CA ILE A 486 -19.60 24.87 -0.81
C ILE A 486 -18.80 25.25 -2.06
N SER A 487 -17.51 25.43 -1.88
CA SER A 487 -16.64 25.74 -3.02
C SER A 487 -15.51 24.73 -3.10
N GLN A 488 -14.94 24.58 -4.29
CA GLN A 488 -13.80 23.68 -4.43
C GLN A 488 -12.73 24.29 -5.31
N ARG A 489 -11.49 23.87 -5.07
N ARG A 489 -11.49 23.90 -5.01
CA ARG A 489 -10.38 24.19 -5.96
CA ARG A 489 -10.28 24.26 -5.78
C ARG A 489 -9.23 23.24 -5.69
C ARG A 489 -9.36 23.05 -5.72
N THR A 490 -8.56 22.85 -6.77
CA THR A 490 -7.39 22.01 -6.67
C THR A 490 -6.26 22.93 -7.08
N PRO A 491 -5.28 23.11 -6.17
CA PRO A 491 -4.12 23.92 -6.54
C PRO A 491 -3.34 23.25 -7.65
N ALA A 492 -2.69 24.04 -8.49
CA ALA A 492 -1.79 23.51 -9.49
C ALA A 492 -0.74 22.60 -8.86
N THR A 493 -0.33 21.60 -9.62
CA THR A 493 0.70 20.67 -9.20
C THR A 493 1.85 20.75 -10.20
N PRO A 494 3.03 20.21 -9.84
CA PRO A 494 4.18 20.27 -10.76
C PRO A 494 3.91 19.64 -12.14
N ASP A 495 3.02 18.65 -12.18
CA ASP A 495 2.71 17.93 -13.43
C ASP A 495 1.58 18.53 -14.27
N GLN A 496 0.78 19.41 -13.68
CA GLN A 496 -0.41 19.97 -14.31
C GLN A 496 -0.67 21.41 -13.93
N ALA A 497 -0.54 22.29 -14.92
CA ALA A 497 -0.86 23.71 -14.71
C ALA A 497 -2.36 23.97 -14.75
N GLU A 498 -3.13 23.09 -15.40
CA GLU A 498 -4.56 23.29 -15.49
C GLU A 498 -5.33 22.37 -14.56
N LYS A 499 -6.25 22.96 -13.80
CA LYS A 499 -7.12 22.20 -12.90
C LYS A 499 -8.57 22.62 -13.11
N GLN A 500 -9.49 21.68 -12.95
CA GLN A 500 -10.91 21.94 -13.15
C GLN A 500 -11.70 21.35 -12.00
N PRO A 501 -12.96 21.82 -11.80
CA PRO A 501 -13.81 21.25 -10.76
C PRO A 501 -14.08 19.76 -10.97
N LEU A 502 -14.15 19.03 -9.87
CA LEU A 502 -14.45 17.59 -9.90
C LEU A 502 -15.88 17.33 -9.44
N HIS A 503 -16.35 16.11 -9.69
CA HIS A 503 -17.65 15.67 -9.17
C HIS A 503 -17.38 15.05 -7.80
N ILE A 504 -17.66 15.85 -6.76
CA ILE A 504 -17.29 15.47 -5.40
C ILE A 504 -18.53 15.03 -4.64
N PRO A 505 -18.63 13.72 -4.28
CA PRO A 505 -19.72 13.26 -3.43
C PRO A 505 -19.46 13.73 -2.00
N PHE A 506 -20.33 14.61 -1.51
CA PHE A 506 -20.08 15.32 -0.25
C PHE A 506 -21.16 14.96 0.76
N ALA A 507 -20.87 13.98 1.61
CA ALA A 507 -21.90 13.44 2.51
C ALA A 507 -22.04 14.29 3.76
N ILE A 508 -23.28 14.58 4.15
CA ILE A 508 -23.50 15.40 5.34
C ILE A 508 -24.55 14.78 6.26
N GLU A 509 -24.53 15.21 7.51
N GLU A 509 -24.57 15.23 7.51
CA GLU A 509 -25.57 14.94 8.50
CA GLU A 509 -25.63 14.88 8.48
C GLU A 509 -25.79 16.24 9.26
C GLU A 509 -25.78 16.03 9.48
N LEU A 510 -27.02 16.45 9.71
CA LEU A 510 -27.32 17.64 10.55
C LEU A 510 -27.87 17.17 11.89
N TYR A 511 -27.31 17.69 12.98
CA TYR A 511 -27.70 17.26 14.34
C TYR A 511 -28.42 18.38 15.07
N ASP A 512 -29.52 18.07 15.75
CA ASP A 512 -30.19 19.07 16.58
C ASP A 512 -29.53 19.12 17.96
N ASN A 513 -30.11 19.90 18.88
CA ASN A 513 -29.49 20.14 20.18
C ASN A 513 -29.47 18.92 21.10
N GLU A 514 -30.34 17.96 20.78
CA GLU A 514 -30.41 16.69 21.49
C GLU A 514 -29.50 15.61 20.90
N GLY A 515 -28.82 15.93 19.80
CA GLY A 515 -27.96 14.95 19.13
C GLY A 515 -28.72 14.04 18.20
N LYS A 516 -29.93 14.43 17.85
CA LYS A 516 -30.74 13.67 16.90
C LYS A 516 -30.53 14.17 15.49
N VAL A 517 -30.63 13.27 14.52
CA VAL A 517 -30.45 13.63 13.13
C VAL A 517 -31.69 14.37 12.61
N ILE A 518 -31.46 15.52 11.98
CA ILE A 518 -32.53 16.31 11.37
C ILE A 518 -32.74 15.81 9.94
N PRO A 519 -33.98 15.39 9.59
CA PRO A 519 -34.22 14.95 8.21
C PRO A 519 -33.91 16.03 7.17
N LEU A 520 -33.15 15.66 6.14
CA LEU A 520 -32.80 16.55 5.05
C LEU A 520 -33.93 16.57 4.04
N GLN A 521 -34.42 17.77 3.75
CA GLN A 521 -35.52 17.95 2.83
C GLN A 521 -35.51 19.33 2.23
N LYS A 522 -36.21 19.49 1.12
CA LYS A 522 -36.41 20.79 0.51
C LYS A 522 -37.70 20.75 -0.30
N GLY A 523 -38.54 21.77 -0.11
CA GLY A 523 -39.80 21.90 -0.85
C GLY A 523 -40.75 20.73 -0.65
N GLY A 524 -40.73 20.13 0.53
CA GLY A 524 -41.61 19.00 0.84
C GLY A 524 -41.14 17.66 0.34
N HIS A 525 -39.91 17.60 -0.17
CA HIS A 525 -39.32 16.35 -0.66
C HIS A 525 -38.00 16.07 0.05
N PRO A 526 -37.74 14.81 0.43
CA PRO A 526 -36.45 14.47 1.04
C PRO A 526 -35.31 14.73 0.06
N VAL A 527 -34.13 15.00 0.62
CA VAL A 527 -32.94 15.27 -0.15
C VAL A 527 -31.90 14.22 0.24
N ASN A 528 -31.22 13.66 -0.74
CA ASN A 528 -30.16 12.68 -0.47
C ASN A 528 -29.04 13.37 0.30
N SER A 529 -28.51 12.68 1.31
CA SER A 529 -27.48 13.24 2.19
C SER A 529 -26.11 13.31 1.51
N VAL A 530 -25.96 12.63 0.37
CA VAL A 530 -24.75 12.75 -0.46
C VAL A 530 -24.97 13.87 -1.46
N LEU A 531 -24.40 15.04 -1.16
CA LEU A 531 -24.53 16.18 -2.06
C LEU A 531 -23.58 16.05 -3.24
N ASN A 532 -24.06 16.42 -4.43
CA ASN A 532 -23.23 16.42 -5.63
C ASN A 532 -22.58 17.78 -5.82
N VAL A 533 -21.36 17.91 -5.31
CA VAL A 533 -20.59 19.15 -5.43
C VAL A 533 -19.82 19.05 -6.74
N THR A 534 -20.37 19.69 -7.78
CA THR A 534 -19.82 19.57 -9.14
C THR A 534 -19.29 20.89 -9.73
N GLN A 535 -19.52 22.00 -9.03
N GLN A 535 -19.49 21.99 -8.99
CA GLN A 535 -19.11 23.32 -9.50
CA GLN A 535 -19.14 23.33 -9.45
C GLN A 535 -18.01 23.91 -8.64
C GLN A 535 -18.01 23.92 -8.62
N ALA A 536 -17.40 25.00 -9.11
CA ALA A 536 -16.39 25.74 -8.34
C ALA A 536 -17.05 26.31 -7.07
N GLU A 537 -18.29 26.75 -7.21
CA GLU A 537 -19.10 27.20 -6.07
C GLU A 537 -20.57 26.87 -6.29
N GLN A 538 -21.21 26.45 -5.20
N GLN A 538 -21.22 26.40 -5.22
CA GLN A 538 -22.62 26.12 -5.22
CA GLN A 538 -22.66 26.18 -5.26
C GLN A 538 -23.26 26.43 -3.87
C GLN A 538 -23.29 26.15 -3.87
N THR A 539 -24.58 26.43 -3.84
CA THR A 539 -25.33 26.56 -2.62
C THR A 539 -26.34 25.43 -2.51
N PHE A 540 -26.50 24.88 -1.31
CA PHE A 540 -27.52 23.90 -1.03
C PHE A 540 -28.39 24.42 0.09
N VAL A 541 -29.70 24.41 -0.11
CA VAL A 541 -30.64 24.92 0.90
C VAL A 541 -31.50 23.78 1.40
N PHE A 542 -31.65 23.70 2.72
CA PHE A 542 -32.47 22.67 3.35
C PHE A 542 -33.57 23.33 4.18
N ASP A 543 -34.78 22.76 4.09
CA ASP A 543 -36.00 23.29 4.73
C ASP A 543 -36.34 22.51 5.98
N ASN A 544 -37.26 23.07 6.76
CA ASN A 544 -37.74 22.38 7.95
C ASN A 544 -36.59 21.98 8.87
N VAL A 545 -35.59 22.85 8.94
CA VAL A 545 -34.49 22.66 9.89
C VAL A 545 -34.92 23.40 11.15
N TYR A 546 -35.48 22.63 12.08
CA TYR A 546 -36.25 23.18 13.20
C TYR A 546 -35.37 23.70 14.34
N PHE A 547 -34.07 23.41 14.26
CA PHE A 547 -33.12 23.92 15.24
C PHE A 547 -31.79 24.17 14.54
N GLN A 548 -31.05 25.19 14.96
CA GLN A 548 -29.74 25.46 14.36
C GLN A 548 -28.87 24.20 14.45
N PRO A 549 -28.45 23.64 13.30
CA PRO A 549 -27.77 22.35 13.36
C PRO A 549 -26.28 22.40 13.68
N VAL A 550 -25.77 21.31 14.24
CA VAL A 550 -24.33 21.05 14.21
C VAL A 550 -24.13 20.08 13.05
N PRO A 551 -23.35 20.49 12.02
CA PRO A 551 -23.19 19.60 10.88
C PRO A 551 -22.07 18.60 11.04
N ALA A 552 -22.27 17.40 10.52
CA ALA A 552 -21.17 16.50 10.27
C ALA A 552 -20.92 16.54 8.77
N LEU A 553 -19.69 16.87 8.37
CA LEU A 553 -19.37 17.18 6.97
C LEU A 553 -18.38 16.16 6.40
N LEU A 554 -18.52 15.85 5.12
CA LEU A 554 -17.65 14.86 4.47
C LEU A 554 -17.68 13.55 5.25
N CYS A 555 -18.89 13.08 5.57
CA CYS A 555 -19.08 11.88 6.38
C CYS A 555 -18.38 10.66 5.80
N GLU A 556 -17.74 9.88 6.68
CA GLU A 556 -16.94 8.72 6.30
C GLU A 556 -15.88 9.05 5.24
N PHE A 557 -15.45 10.31 5.23
CA PHE A 557 -14.44 10.80 4.28
C PHE A 557 -14.94 10.47 2.86
N SER A 558 -16.09 11.05 2.52
CA SER A 558 -16.84 10.64 1.33
C SER A 558 -16.14 11.01 0.01
N ALA A 559 -15.12 11.87 0.08
CA ALA A 559 -14.28 12.23 -1.10
C ALA A 559 -12.87 12.53 -0.58
N PRO A 560 -11.84 12.22 -1.39
CA PRO A 560 -10.48 12.41 -0.89
C PRO A 560 -10.04 13.88 -1.02
N VAL A 561 -10.49 14.69 -0.08
CA VAL A 561 -10.30 16.14 -0.18
C VAL A 561 -9.91 16.71 1.19
N LYS A 562 -9.37 17.91 1.19
CA LYS A 562 -9.10 18.65 2.42
C LYS A 562 -10.34 19.48 2.71
N LEU A 563 -10.83 19.42 3.93
CA LEU A 563 -12.04 20.18 4.28
C LEU A 563 -11.65 21.47 5.01
N GLU A 564 -12.19 22.59 4.55
CA GLU A 564 -12.01 23.88 5.24
C GLU A 564 -13.36 24.34 5.77
N TYR A 565 -13.58 24.19 7.07
CA TYR A 565 -14.81 24.67 7.70
C TYR A 565 -14.41 25.26 9.03
N LYS A 566 -15.01 26.39 9.42
CA LYS A 566 -14.60 27.08 10.65
C LYS A 566 -15.35 26.50 11.86
N TRP A 567 -14.92 25.31 12.29
CA TRP A 567 -15.47 24.62 13.44
C TRP A 567 -15.24 25.42 14.73
N SER A 568 -16.23 25.39 15.63
CA SER A 568 -15.95 25.74 17.04
C SER A 568 -15.48 24.49 17.79
N ASP A 569 -14.73 24.68 18.88
CA ASP A 569 -14.35 23.54 19.73
C ASP A 569 -15.57 22.76 20.20
N GLN A 570 -16.63 23.50 20.57
CA GLN A 570 -17.83 22.86 21.12
C GLN A 570 -18.61 22.06 20.07
N GLN A 571 -18.63 22.52 18.82
CA GLN A 571 -19.23 21.72 17.73
C GLN A 571 -18.51 20.38 17.63
N LEU A 572 -17.19 20.41 17.71
CA LEU A 572 -16.38 19.18 17.60
C LEU A 572 -16.57 18.25 18.77
N THR A 573 -16.58 18.77 20.01
CA THR A 573 -16.80 17.88 21.16
C THR A 573 -18.23 17.33 21.17
N PHE A 574 -19.19 18.11 20.66
CA PHE A 574 -20.57 17.66 20.49
C PHE A 574 -20.58 16.45 19.55
N LEU A 575 -19.87 16.55 18.43
CA LEU A 575 -19.81 15.44 17.47
C LEU A 575 -19.12 14.21 18.07
N MET A 576 -18.07 14.43 18.87
CA MET A 576 -17.39 13.32 19.54
C MET A 576 -18.36 12.53 20.42
N ARG A 577 -19.34 13.25 20.97
CA ARG A 577 -20.34 12.71 21.88
C ARG A 577 -21.51 12.09 21.11
N HIS A 578 -21.97 12.77 20.06
CA HIS A 578 -23.28 12.48 19.46
C HIS A 578 -23.31 11.90 18.06
N ALA A 579 -22.23 12.03 17.29
CA ALA A 579 -22.27 11.62 15.88
C ALA A 579 -22.65 10.13 15.76
N ARG A 580 -23.51 9.83 14.79
CA ARG A 580 -24.04 8.46 14.60
C ARG A 580 -22.98 7.45 14.20
N ASN A 581 -22.08 7.83 13.30
CA ASN A 581 -21.04 6.92 12.82
C ASN A 581 -19.77 7.10 13.64
N ASP A 582 -19.18 6.00 14.07
CA ASP A 582 -17.95 6.07 14.85
C ASP A 582 -16.82 6.81 14.12
N PHE A 583 -16.79 6.70 12.80
CA PHE A 583 -15.78 7.45 12.05
C PHE A 583 -15.88 8.96 12.33
N SER A 584 -17.12 9.48 12.35
CA SER A 584 -17.34 10.93 12.55
C SER A 584 -16.88 11.39 13.92
N ARG A 585 -17.03 10.53 14.92
CA ARG A 585 -16.58 10.84 16.27
C ARG A 585 -15.04 10.97 16.31
N TRP A 586 -14.35 10.03 15.66
CA TRP A 586 -12.87 10.09 15.59
C TRP A 586 -12.44 11.30 14.78
N ASP A 587 -13.13 11.55 13.66
CA ASP A 587 -12.75 12.62 12.75
C ASP A 587 -12.91 13.99 13.43
N ALA A 588 -13.98 14.13 14.23
CA ALA A 588 -14.18 15.35 15.03
C ALA A 588 -13.02 15.57 15.99
N ALA A 589 -12.57 14.49 16.64
CA ALA A 589 -11.41 14.56 17.55
C ALA A 589 -10.16 15.02 16.80
N GLN A 590 -10.03 14.58 15.54
CA GLN A 590 -8.86 14.96 14.73
C GLN A 590 -8.90 16.46 14.43
N SER A 591 -10.07 16.97 14.10
CA SER A 591 -10.23 18.39 13.78
C SER A 591 -9.92 19.21 15.03
N LEU A 592 -10.35 18.71 16.18
CA LEU A 592 -10.11 19.41 17.46
C LEU A 592 -8.61 19.46 17.73
N LEU A 593 -7.94 18.32 17.57
CA LEU A 593 -6.50 18.24 17.79
C LEU A 593 -5.71 19.10 16.80
N ALA A 594 -6.14 19.10 15.52
CA ALA A 594 -5.45 19.87 14.47
C ALA A 594 -5.20 21.32 14.92
N THR A 595 -6.24 21.95 15.46
CA THR A 595 -6.15 23.35 15.90
C THR A 595 -5.01 23.55 16.90
N TYR A 596 -4.90 22.62 17.85
CA TYR A 596 -3.94 22.76 18.94
C TYR A 596 -2.55 22.25 18.59
N ILE A 597 -2.49 21.35 17.62
CA ILE A 597 -1.21 20.96 17.05
C ILE A 597 -0.60 22.16 16.33
N LYS A 598 -1.40 22.86 15.52
CA LYS A 598 -0.91 24.04 14.80
C LYS A 598 -0.50 25.12 15.80
N LEU A 599 -1.33 25.34 16.81
CA LEU A 599 -1.01 26.32 17.86
C LEU A 599 0.35 26.02 18.45
N ASN A 600 0.54 24.77 18.86
CA ASN A 600 1.73 24.41 19.64
C ASN A 600 3.02 24.29 18.82
N VAL A 601 2.88 23.99 17.53
CA VAL A 601 4.05 24.07 16.65
C VAL A 601 4.54 25.52 16.51
N ALA A 602 3.61 26.46 16.36
CA ALA A 602 3.99 27.88 16.29
C ALA A 602 4.67 28.28 17.61
N ARG A 603 4.11 27.80 18.72
CA ARG A 603 4.67 28.12 20.04
C ARG A 603 6.07 27.55 20.19
N HIS A 604 6.26 26.30 19.75
CA HIS A 604 7.58 25.66 19.84
C HIS A 604 8.65 26.52 19.13
N GLN A 605 8.29 27.05 17.97
CA GLN A 605 9.19 27.86 17.15
C GLN A 605 9.60 29.16 17.87
N GLN A 606 8.71 29.61 18.77
N GLN A 606 8.75 29.64 18.77
CA GLN A 606 8.90 30.82 19.58
CA GLN A 606 9.07 30.83 19.57
C GLN A 606 9.56 30.48 20.94
C GLN A 606 9.53 30.47 20.97
N GLY A 607 9.90 29.20 21.14
CA GLY A 607 10.47 28.71 22.40
C GLY A 607 9.51 28.66 23.58
N GLN A 608 8.23 28.47 23.31
CA GLN A 608 7.22 28.42 24.36
C GLN A 608 6.69 27.01 24.57
N PRO A 609 6.25 26.71 25.80
CA PRO A 609 5.78 25.37 26.12
C PRO A 609 4.35 25.15 25.64
N LEU A 610 3.89 23.91 25.73
CA LEU A 610 2.56 23.55 25.26
C LEU A 610 1.48 24.33 26.00
N SER A 611 0.46 24.75 25.23
CA SER A 611 -0.74 25.35 25.76
C SER A 611 -1.92 24.53 25.25
N LEU A 612 -2.83 24.15 26.15
CA LEU A 612 -4.01 23.37 25.75
C LEU A 612 -5.18 23.74 26.67
N PRO A 613 -6.30 24.19 26.09
CA PRO A 613 -7.45 24.54 26.92
C PRO A 613 -7.93 23.36 27.76
N VAL A 614 -8.40 23.64 28.98
CA VAL A 614 -8.92 22.61 29.87
C VAL A 614 -10.01 21.77 29.19
N HIS A 615 -10.93 22.43 28.48
CA HIS A 615 -12.05 21.70 27.84
C HIS A 615 -11.59 20.70 26.76
N VAL A 616 -10.38 20.92 26.21
CA VAL A 616 -9.81 19.93 25.27
C VAL A 616 -9.37 18.65 25.98
N ALA A 617 -8.60 18.79 27.06
CA ALA A 617 -8.25 17.63 27.88
C ALA A 617 -9.52 16.90 28.39
N ASP A 618 -10.54 17.66 28.77
CA ASP A 618 -11.80 17.10 29.26
C ASP A 618 -12.47 16.20 28.23
N ALA A 619 -12.38 16.57 26.95
CA ALA A 619 -12.99 15.78 25.88
C ALA A 619 -12.36 14.38 25.79
N PHE A 620 -11.05 14.32 25.97
CA PHE A 620 -10.33 13.05 25.95
C PHE A 620 -10.54 12.26 27.23
N ARG A 621 -10.65 12.94 28.37
CA ARG A 621 -11.07 12.29 29.62
C ARG A 621 -12.43 11.60 29.46
N ALA A 622 -13.37 12.29 28.81
CA ALA A 622 -14.72 11.74 28.64
C ALA A 622 -14.68 10.47 27.80
N VAL A 623 -13.81 10.43 26.80
CA VAL A 623 -13.63 9.24 25.97
C VAL A 623 -13.12 8.05 26.80
N LEU A 624 -12.15 8.30 27.67
CA LEU A 624 -11.61 7.27 28.56
C LEU A 624 -12.68 6.70 29.48
N LEU A 625 -13.53 7.56 30.01
CA LEU A 625 -14.49 7.16 31.02
C LEU A 625 -15.85 6.74 30.48
N ASP A 626 -16.05 6.87 29.16
CA ASP A 626 -17.31 6.49 28.53
C ASP A 626 -17.46 4.98 28.57
N GLU A 627 -18.48 4.51 29.29
CA GLU A 627 -18.68 3.08 29.42
C GLU A 627 -19.40 2.43 28.23
N LYS A 628 -19.93 3.26 27.33
CA LYS A 628 -20.71 2.78 26.20
C LYS A 628 -19.92 2.72 24.89
N ILE A 629 -18.87 3.54 24.80
CA ILE A 629 -18.06 3.65 23.59
C ILE A 629 -17.34 2.32 23.28
N ASP A 630 -17.36 1.93 22.02
CA ASP A 630 -16.61 0.77 21.54
C ASP A 630 -15.12 0.99 21.84
N PRO A 631 -14.47 0.03 22.54
CA PRO A 631 -13.04 0.21 22.85
C PRO A 631 -12.18 0.41 21.58
N ALA A 632 -12.63 -0.14 20.45
CA ALA A 632 -11.92 0.03 19.17
C ALA A 632 -11.89 1.51 18.78
N LEU A 633 -13.03 2.19 18.97
CA LEU A 633 -13.09 3.62 18.66
C LEU A 633 -12.30 4.43 19.68
N ALA A 634 -12.48 4.14 20.97
CA ALA A 634 -11.72 4.82 22.02
C ALA A 634 -10.21 4.75 21.73
N ALA A 635 -9.75 3.56 21.35
CA ALA A 635 -8.32 3.37 21.08
C ALA A 635 -7.84 4.29 19.98
N GLU A 636 -8.64 4.49 18.94
CA GLU A 636 -8.21 5.33 17.81
C GLU A 636 -8.24 6.83 18.16
N ILE A 637 -9.26 7.24 18.90
CA ILE A 637 -9.34 8.61 19.39
C ILE A 637 -8.14 8.92 20.30
N LEU A 638 -7.72 7.92 21.08
CA LEU A 638 -6.56 8.04 21.98
C LEU A 638 -5.20 7.74 21.32
N THR A 639 -5.19 7.59 20.00
CA THR A 639 -3.95 7.44 19.25
C THR A 639 -3.71 8.77 18.53
N LEU A 640 -2.68 9.50 18.94
CA LEU A 640 -2.45 10.81 18.36
C LEU A 640 -2.06 10.70 16.87
N PRO A 641 -2.43 11.70 16.06
CA PRO A 641 -1.94 11.70 14.67
C PRO A 641 -0.43 11.53 14.62
N SER A 642 0.08 10.77 13.65
CA SER A 642 1.52 10.52 13.52
C SER A 642 2.22 11.80 13.08
N VAL A 643 3.54 11.82 13.17
CA VAL A 643 4.31 12.99 12.71
C VAL A 643 4.08 13.26 11.21
N ASN A 644 3.80 12.20 10.45
CA ASN A 644 3.40 12.36 9.05
C ASN A 644 2.00 12.98 8.84
N GLU A 645 1.02 12.56 9.64
CA GLU A 645 -0.29 13.20 9.60
C GLU A 645 -0.16 14.66 10.04
N MET A 646 0.63 14.92 11.09
CA MET A 646 0.81 16.28 11.58
C MET A 646 1.45 17.18 10.53
N ALA A 647 2.44 16.65 9.83
CA ALA A 647 3.13 17.43 8.77
C ALA A 647 2.18 18.00 7.71
N GLU A 648 1.12 17.28 7.39
N GLU A 648 1.14 17.23 7.42
CA GLU A 648 0.24 17.77 6.33
CA GLU A 648 0.10 17.58 6.45
C GLU A 648 -0.77 18.83 6.80
C GLU A 648 -0.61 18.90 6.77
N LEU A 649 -0.62 19.25 8.06
CA LEU A 649 -1.33 20.45 8.54
C LEU A 649 -0.61 21.75 8.17
N PHE A 650 0.61 21.64 7.66
CA PHE A 650 1.50 22.78 7.47
C PHE A 650 1.98 22.93 6.03
N ASP A 651 2.03 24.17 5.55
CA ASP A 651 2.66 24.46 4.24
C ASP A 651 4.15 24.16 4.27
N ILE A 652 4.83 24.74 5.25
CA ILE A 652 6.24 24.47 5.47
C ILE A 652 6.38 23.62 6.72
N ILE A 653 6.97 22.44 6.55
CA ILE A 653 7.10 21.47 7.64
C ILE A 653 8.31 21.78 8.53
N ASP A 654 8.05 21.88 9.83
CA ASP A 654 9.10 21.95 10.82
C ASP A 654 9.15 20.61 11.57
N PRO A 655 10.00 19.67 11.10
CA PRO A 655 9.89 18.29 11.63
C PRO A 655 10.34 18.17 13.08
N ILE A 656 11.25 19.05 13.52
CA ILE A 656 11.66 19.06 14.92
C ILE A 656 10.53 19.57 15.82
N ALA A 657 9.91 20.69 15.46
CA ALA A 657 8.76 21.21 16.23
C ALA A 657 7.65 20.18 16.29
N ILE A 658 7.35 19.56 15.16
CA ILE A 658 6.28 18.54 15.12
C ILE A 658 6.59 17.39 16.10
N ALA A 659 7.81 16.87 16.03
CA ALA A 659 8.19 15.75 16.91
C ALA A 659 8.09 16.13 18.38
N GLU A 660 8.57 17.32 18.71
N GLU A 660 8.60 17.33 18.70
CA GLU A 660 8.60 17.73 20.12
CA GLU A 660 8.63 17.82 20.08
C GLU A 660 7.22 18.11 20.66
C GLU A 660 7.22 18.05 20.62
N VAL A 661 6.37 18.65 19.78
CA VAL A 661 4.97 18.94 20.13
C VAL A 661 4.19 17.64 20.34
N ARG A 662 4.41 16.65 19.47
CA ARG A 662 3.76 15.34 19.67
C ARG A 662 4.13 14.77 21.04
N GLU A 663 5.42 14.82 21.37
CA GLU A 663 5.85 14.34 22.69
C GLU A 663 5.23 15.17 23.81
N ALA A 664 5.24 16.49 23.66
CA ALA A 664 4.72 17.36 24.73
C ALA A 664 3.23 17.15 24.95
N LEU A 665 2.49 16.98 23.85
CA LEU A 665 1.05 16.68 23.94
C LEU A 665 0.79 15.34 24.66
N THR A 666 1.61 14.34 24.34
CA THR A 666 1.54 13.04 24.98
C THR A 666 1.79 13.17 26.50
N ARG A 667 2.84 13.93 26.86
CA ARG A 667 3.18 14.14 28.28
C ARG A 667 2.10 14.91 29.01
N THR A 668 1.54 15.93 28.36
CA THR A 668 0.47 16.72 28.97
C THR A 668 -0.78 15.88 29.25
N LEU A 669 -1.20 15.10 28.25
CA LEU A 669 -2.35 14.24 28.44
C LEU A 669 -2.07 13.15 29.47
N ALA A 670 -0.84 12.63 29.49
CA ALA A 670 -0.42 11.62 30.48
C ALA A 670 -0.59 12.17 31.91
N THR A 671 -0.17 13.41 32.11
CA THR A 671 -0.28 14.05 33.43
C THR A 671 -1.73 14.36 33.80
N GLU A 672 -2.46 14.99 32.87
CA GLU A 672 -3.84 15.38 33.13
C GLU A 672 -4.79 14.18 33.29
N LEU A 673 -4.47 13.08 32.64
CA LEU A 673 -5.36 11.91 32.62
C LEU A 673 -4.77 10.68 33.33
N ALA A 674 -3.74 10.87 34.15
CA ALA A 674 -2.98 9.76 34.74
C ALA A 674 -3.84 8.70 35.41
N ASP A 675 -4.78 9.13 36.27
CA ASP A 675 -5.59 8.18 37.02
C ASP A 675 -6.50 7.39 36.09
N GLU A 676 -7.13 8.10 35.16
CA GLU A 676 -8.06 7.51 34.20
C GLU A 676 -7.32 6.54 33.28
N LEU A 677 -6.15 6.94 32.80
CA LEU A 677 -5.35 6.06 31.92
C LEU A 677 -4.98 4.75 32.62
N LEU A 678 -4.57 4.82 33.88
CA LEU A 678 -4.19 3.60 34.61
C LEU A 678 -5.40 2.70 34.84
N ALA A 679 -6.55 3.31 35.17
CA ALA A 679 -7.79 2.55 35.39
C ALA A 679 -8.17 1.77 34.13
N ILE A 680 -8.12 2.43 32.98
CA ILE A 680 -8.55 1.81 31.71
C ILE A 680 -7.51 0.78 31.25
N TYR A 681 -6.24 1.07 31.49
CA TYR A 681 -5.16 0.11 31.24
C TYR A 681 -5.44 -1.20 31.99
N ASN A 682 -5.70 -1.09 33.29
CA ASN A 682 -5.98 -2.29 34.11
C ASN A 682 -7.28 -2.98 33.73
N ALA A 683 -8.32 -2.21 33.41
CA ALA A 683 -9.65 -2.75 33.11
C ALA A 683 -9.64 -3.59 31.84
N ASN A 684 -8.70 -3.32 30.96
CA ASN A 684 -8.64 -3.99 29.67
C ASN A 684 -7.61 -5.11 29.59
N TYR A 685 -7.05 -5.48 30.76
CA TYR A 685 -6.20 -6.65 30.84
C TYR A 685 -6.93 -7.90 30.32
N GLN A 686 -6.21 -8.70 29.54
CA GLN A 686 -6.75 -9.98 29.02
C GLN A 686 -5.73 -11.10 29.25
N SER A 687 -6.12 -12.13 30.00
CA SER A 687 -5.20 -13.24 30.26
C SER A 687 -5.01 -14.14 29.04
N GLU A 688 -6.09 -14.41 28.31
CA GLU A 688 -6.04 -15.19 27.06
C GLU A 688 -5.63 -14.26 25.91
N TYR A 689 -4.78 -14.75 25.01
CA TYR A 689 -4.50 -14.05 23.76
C TYR A 689 -5.33 -14.65 22.61
N ARG A 690 -6.11 -13.79 21.96
CA ARG A 690 -6.97 -14.18 20.82
C ARG A 690 -6.82 -13.18 19.69
N VAL A 691 -6.69 -13.71 18.48
CA VAL A 691 -6.72 -12.89 17.27
C VAL A 691 -8.19 -12.82 16.86
N GLU A 692 -8.95 -12.05 17.66
CA GLU A 692 -10.38 -11.90 17.51
C GLU A 692 -10.67 -10.41 17.73
N HIS A 693 -11.60 -9.87 16.97
CA HIS A 693 -11.73 -8.41 16.88
C HIS A 693 -12.08 -7.72 18.19
N GLU A 694 -12.92 -8.33 19.02
CA GLU A 694 -13.22 -7.73 20.33
C GLU A 694 -11.97 -7.67 21.20
N ASP A 695 -11.21 -8.76 21.20
CA ASP A 695 -9.97 -8.83 21.96
C ASP A 695 -8.93 -7.84 21.44
N ILE A 696 -8.84 -7.74 20.12
CA ILE A 696 -7.86 -6.83 19.52
C ILE A 696 -8.20 -5.39 19.91
N ALA A 697 -9.49 -5.08 19.92
CA ALA A 697 -9.93 -3.71 20.28
C ALA A 697 -9.53 -3.38 21.71
N LYS A 698 -9.82 -4.29 22.64
CA LYS A 698 -9.45 -4.05 24.06
C LYS A 698 -7.94 -3.89 24.24
N ARG A 699 -7.17 -4.71 23.52
CA ARG A 699 -5.73 -4.67 23.61
C ARG A 699 -5.17 -3.37 22.98
N THR A 700 -5.75 -2.94 21.87
CA THR A 700 -5.34 -1.69 21.22
C THR A 700 -5.59 -0.50 22.18
N LEU A 701 -6.71 -0.54 22.89
CA LEU A 701 -7.02 0.49 23.88
C LEU A 701 -6.06 0.43 25.08
N ARG A 702 -5.84 -0.76 25.63
CA ARG A 702 -4.90 -0.94 26.72
C ARG A 702 -3.52 -0.38 26.34
N ASN A 703 -3.06 -0.71 25.13
CA ASN A 703 -1.73 -0.27 24.73
C ASN A 703 -1.66 1.22 24.38
N ALA A 704 -2.79 1.78 23.94
CA ALA A 704 -2.87 3.24 23.75
C ALA A 704 -2.71 3.93 25.10
N CYS A 705 -3.34 3.39 26.14
CA CYS A 705 -3.20 3.90 27.51
C CYS A 705 -1.76 3.76 28.00
N LEU A 706 -1.15 2.61 27.74
CA LEU A 706 0.24 2.38 28.12
C LEU A 706 1.17 3.42 27.52
N ARG A 707 0.93 3.78 26.25
CA ARG A 707 1.77 4.75 25.58
C ARG A 707 1.81 6.09 26.36
N PHE A 708 0.64 6.56 26.78
CA PHE A 708 0.59 7.81 27.56
C PHE A 708 1.26 7.59 28.93
N LEU A 709 0.92 6.48 29.58
CA LEU A 709 1.52 6.16 30.89
C LEU A 709 3.04 6.13 30.87
N ALA A 710 3.63 5.68 29.76
CA ALA A 710 5.08 5.65 29.61
C ALA A 710 5.70 7.06 29.69
N PHE A 711 4.90 8.06 29.35
CA PHE A 711 5.31 9.48 29.32
C PHE A 711 4.88 10.23 30.58
N GLY A 712 4.39 9.49 31.58
CA GLY A 712 4.01 10.05 32.87
C GLY A 712 5.17 10.01 33.85
N GLU A 713 4.85 9.95 35.14
CA GLU A 713 5.88 9.85 36.18
C GLU A 713 6.82 8.67 35.90
N THR A 714 8.12 8.95 35.95
CA THR A 714 9.17 8.06 35.44
C THR A 714 9.20 6.67 36.09
N HIS A 715 9.16 6.63 37.43
CA HIS A 715 9.25 5.35 38.12
C HIS A 715 8.06 4.43 37.80
N LEU A 716 6.84 4.96 37.89
CA LEU A 716 5.65 4.18 37.55
C LEU A 716 5.73 3.72 36.09
N ALA A 717 6.12 4.64 35.22
CA ALA A 717 6.26 4.34 33.78
C ALA A 717 7.21 3.17 33.56
N ASP A 718 8.39 3.25 34.18
CA ASP A 718 9.42 2.23 34.03
C ASP A 718 8.96 0.88 34.56
N VAL A 719 8.26 0.89 35.69
CA VAL A 719 7.74 -0.34 36.27
C VAL A 719 6.69 -0.97 35.36
N LEU A 720 5.74 -0.16 34.91
CA LEU A 720 4.63 -0.63 34.09
C LEU A 720 5.17 -1.24 32.77
N VAL A 721 6.09 -0.53 32.14
CA VAL A 721 6.60 -0.92 30.82
C VAL A 721 7.47 -2.19 30.93
N SER A 722 8.36 -2.22 31.92
CA SER A 722 9.22 -3.37 32.12
C SER A 722 8.39 -4.63 32.43
N LYS A 723 7.40 -4.46 33.29
CA LYS A 723 6.51 -5.55 33.69
C LYS A 723 5.77 -6.10 32.47
N GLN A 724 5.18 -5.21 31.66
CA GLN A 724 4.44 -5.69 30.49
C GLN A 724 5.34 -6.44 29.50
N PHE A 725 6.55 -5.92 29.26
CA PHE A 725 7.48 -6.57 28.36
C PHE A 725 7.80 -8.01 28.82
N HIS A 726 8.09 -8.15 30.11
CA HIS A 726 8.41 -9.46 30.69
C HIS A 726 7.22 -10.40 30.89
N GLU A 727 6.04 -9.86 31.14
CA GLU A 727 4.86 -10.67 31.42
C GLU A 727 4.01 -10.98 30.19
N ALA A 728 4.26 -10.23 29.12
CA ALA A 728 3.51 -10.41 27.85
C ALA A 728 3.47 -11.87 27.41
N ASN A 729 2.30 -12.36 27.01
CA ASN A 729 2.19 -13.71 26.43
C ASN A 729 1.97 -13.66 24.92
N ASN A 730 2.33 -12.53 24.32
CA ASN A 730 2.16 -12.32 22.88
C ASN A 730 3.02 -11.14 22.45
N MET A 731 3.35 -11.10 21.15
CA MET A 731 4.26 -10.06 20.64
C MET A 731 3.60 -8.68 20.60
N THR A 732 2.28 -8.62 20.49
CA THR A 732 1.60 -7.30 20.49
C THR A 732 1.94 -6.55 21.77
N ASP A 733 1.75 -7.22 22.90
CA ASP A 733 1.97 -6.57 24.20
C ASP A 733 3.44 -6.34 24.49
N ALA A 734 4.29 -7.28 24.08
CA ALA A 734 5.73 -7.13 24.28
C ALA A 734 6.27 -5.95 23.47
N LEU A 735 5.84 -5.85 22.22
CA LEU A 735 6.34 -4.77 21.35
C LEU A 735 5.79 -3.43 21.78
N ALA A 736 4.55 -3.39 22.25
CA ALA A 736 3.95 -2.13 22.74
C ALA A 736 4.80 -1.58 23.89
N ALA A 737 5.20 -2.48 24.80
CA ALA A 737 6.06 -2.09 25.94
C ALA A 737 7.45 -1.63 25.46
N LEU A 738 8.07 -2.43 24.60
CA LEU A 738 9.40 -2.10 24.09
C LEU A 738 9.40 -0.74 23.37
N SER A 739 8.38 -0.53 22.53
CA SER A 739 8.26 0.70 21.77
C SER A 739 8.11 1.91 22.70
N ALA A 740 7.31 1.74 23.76
CA ALA A 740 7.11 2.80 24.76
C ALA A 740 8.41 3.14 25.51
N ALA A 741 9.19 2.10 25.86
CA ALA A 741 10.49 2.29 26.52
C ALA A 741 11.43 3.10 25.64
N VAL A 742 11.43 2.83 24.33
CA VAL A 742 12.25 3.61 23.40
C VAL A 742 11.70 5.03 23.24
N ALA A 743 10.39 5.15 23.02
CA ALA A 743 9.76 6.46 22.79
C ALA A 743 9.97 7.42 23.96
N ALA A 744 9.84 6.91 25.18
CA ALA A 744 9.90 7.76 26.38
C ALA A 744 11.30 7.75 27.00
N GLN A 745 12.23 7.06 26.36
CA GLN A 745 13.63 6.95 26.81
C GLN A 745 13.69 6.54 28.28
N LEU A 746 12.97 5.46 28.60
CA LEU A 746 12.87 4.99 29.98
C LEU A 746 14.13 4.29 30.44
N PRO A 747 14.39 4.30 31.78
CA PRO A 747 15.57 3.60 32.30
C PRO A 747 15.75 2.17 31.75
N CYS A 748 14.66 1.41 31.66
CA CYS A 748 14.72 0.00 31.25
C CYS A 748 15.01 -0.21 29.76
N ARG A 749 14.98 0.86 28.95
CA ARG A 749 15.13 0.75 27.49
C ARG A 749 16.28 -0.15 27.03
N ASP A 750 17.50 0.17 27.44
CA ASP A 750 18.68 -0.54 26.95
C ASP A 750 18.67 -2.03 27.30
N ALA A 751 18.23 -2.35 28.52
CA ALA A 751 18.11 -3.74 28.96
C ALA A 751 17.08 -4.50 28.10
N LEU A 752 15.91 -3.91 27.93
CA LEU A 752 14.84 -4.55 27.13
C LEU A 752 15.25 -4.74 25.66
N MET A 753 15.87 -3.71 25.08
CA MET A 753 16.36 -3.81 23.70
C MET A 753 17.40 -4.91 23.53
N GLN A 754 18.30 -5.04 24.50
CA GLN A 754 19.32 -6.10 24.46
C GLN A 754 18.66 -7.48 24.59
N GLU A 755 17.70 -7.59 25.49
CA GLU A 755 17.00 -8.86 25.70
C GLU A 755 16.32 -9.33 24.40
N TYR A 756 15.70 -8.38 23.70
CA TYR A 756 14.98 -8.70 22.47
C TYR A 756 15.96 -9.18 21.40
N ASP A 757 17.06 -8.44 21.22
CA ASP A 757 18.16 -8.82 20.31
C ASP A 757 18.65 -10.24 20.63
N ASP A 758 18.97 -10.49 21.90
CA ASP A 758 19.51 -11.80 22.30
C ASP A 758 18.54 -12.94 22.00
N LYS A 759 17.25 -12.68 22.20
CA LYS A 759 16.22 -13.68 21.97
C LYS A 759 15.94 -13.90 20.48
N TRP A 760 15.95 -12.81 19.70
CA TRP A 760 15.35 -12.85 18.37
C TRP A 760 16.29 -12.63 17.16
N HIS A 761 17.59 -12.45 17.41
CA HIS A 761 18.53 -12.06 16.35
C HIS A 761 18.54 -12.97 15.09
N GLN A 762 18.15 -14.23 15.27
CA GLN A 762 18.17 -15.22 14.21
C GLN A 762 16.92 -15.10 13.32
N ASN A 763 15.96 -14.28 13.74
CA ASN A 763 14.69 -14.16 13.06
C ASN A 763 14.56 -12.77 12.43
N GLY A 764 14.85 -12.66 11.14
CA GLY A 764 14.83 -11.37 10.45
C GLY A 764 13.52 -10.59 10.57
N LEU A 765 12.36 -11.27 10.38
CA LEU A 765 11.07 -10.56 10.45
C LEU A 765 10.82 -9.98 11.82
N VAL A 766 11.22 -10.73 12.85
CA VAL A 766 11.07 -10.24 14.21
C VAL A 766 12.05 -9.08 14.46
N MET A 767 13.27 -9.22 13.94
CA MET A 767 14.27 -8.15 14.09
C MET A 767 13.90 -6.86 13.35
N ASP A 768 13.11 -6.97 12.28
CA ASP A 768 12.64 -5.77 11.58
C ASP A 768 11.94 -4.80 12.54
N LYS A 769 11.17 -5.35 13.49
CA LYS A 769 10.44 -4.50 14.44
C LYS A 769 11.44 -3.72 15.29
N TRP A 770 12.53 -4.38 15.65
CA TRP A 770 13.57 -3.82 16.52
C TRP A 770 14.39 -2.76 15.77
N PHE A 771 14.72 -3.04 14.49
CA PHE A 771 15.39 -2.04 13.64
C PHE A 771 14.53 -0.79 13.48
N ILE A 772 13.22 -0.99 13.31
CA ILE A 772 12.29 0.15 13.24
C ILE A 772 12.33 0.99 14.52
N LEU A 773 12.31 0.33 15.68
CA LEU A 773 12.41 1.07 16.96
C LEU A 773 13.73 1.84 17.08
N GLN A 774 14.83 1.19 16.67
CA GLN A 774 16.15 1.84 16.68
C GLN A 774 16.13 3.07 15.76
N ALA A 775 15.60 2.89 14.55
CA ALA A 775 15.57 3.95 13.53
C ALA A 775 14.69 5.13 13.89
N THR A 776 13.62 4.90 14.64
CA THR A 776 12.63 5.93 14.96
C THR A 776 12.83 6.46 16.40
N SER A 777 13.97 6.12 16.99
CA SER A 777 14.27 6.52 18.36
C SER A 777 14.41 8.05 18.47
N PRO A 778 13.86 8.63 19.55
CA PRO A 778 14.04 10.06 19.81
C PRO A 778 15.42 10.40 20.40
N ALA A 779 16.23 9.38 20.66
CA ALA A 779 17.54 9.60 21.30
C ALA A 779 18.43 10.54 20.48
N ALA A 780 19.20 11.37 21.16
CA ALA A 780 20.11 12.32 20.49
C ALA A 780 21.09 11.64 19.54
N ASN A 781 21.54 10.44 19.91
CA ASN A 781 22.56 9.71 19.14
C ASN A 781 21.99 8.71 18.12
N VAL A 782 20.74 8.92 17.71
CA VAL A 782 20.04 7.93 16.85
C VAL A 782 20.79 7.64 15.54
N LEU A 783 21.33 8.66 14.87
CA LEU A 783 22.03 8.41 13.60
C LEU A 783 23.29 7.56 13.81
N GLU A 784 24.07 7.88 14.85
CA GLU A 784 25.23 7.08 15.24
C GLU A 784 24.83 5.60 15.43
N THR A 785 23.74 5.38 16.15
CA THR A 785 23.25 4.02 16.41
C THR A 785 22.86 3.32 15.11
N VAL A 786 22.08 4.01 14.28
CA VAL A 786 21.66 3.49 12.97
C VAL A 786 22.85 3.10 12.09
N ARG A 787 23.82 4.00 11.95
CA ARG A 787 25.04 3.68 11.19
C ARG A 787 25.73 2.42 11.72
N GLY A 788 25.86 2.32 13.05
CA GLY A 788 26.46 1.17 13.70
C GLY A 788 25.73 -0.12 13.39
N LEU A 789 24.39 -0.03 13.31
CA LEU A 789 23.55 -1.20 13.02
C LEU A 789 23.69 -1.75 11.59
N LEU A 790 24.31 -0.98 10.69
CA LEU A 790 24.65 -1.54 9.38
C LEU A 790 25.57 -2.74 9.52
N GLN A 791 26.22 -2.86 10.69
CA GLN A 791 27.11 -4.00 10.96
C GLN A 791 26.47 -5.07 11.84
N HIS A 792 25.20 -4.86 12.20
CA HIS A 792 24.52 -5.77 13.12
C HIS A 792 24.36 -7.16 12.50
N ARG A 793 24.49 -8.18 13.34
CA ARG A 793 24.33 -9.59 12.95
C ARG A 793 23.04 -9.92 12.17
N SER A 794 21.98 -9.17 12.44
CA SER A 794 20.68 -9.41 11.81
C SER A 794 20.42 -8.51 10.61
N PHE A 795 21.33 -7.59 10.31
CA PHE A 795 21.15 -6.68 9.18
C PHE A 795 21.92 -7.14 7.94
N THR A 796 21.34 -6.95 6.76
CA THR A 796 22.09 -7.11 5.51
C THR A 796 21.53 -6.22 4.41
N MET A 797 22.44 -5.60 3.66
CA MET A 797 22.07 -4.76 2.51
C MET A 797 21.49 -5.60 1.38
N SER A 798 21.58 -6.92 1.48
CA SER A 798 21.05 -7.80 0.42
C SER A 798 19.54 -8.06 0.57
N ASN A 799 18.94 -7.59 1.65
CA ASN A 799 17.54 -7.92 1.94
C ASN A 799 16.65 -6.67 2.06
N PRO A 800 15.71 -6.48 1.11
CA PRO A 800 14.84 -5.31 1.12
C PRO A 800 14.12 -5.09 2.44
N ASN A 801 13.68 -6.15 3.12
CA ASN A 801 12.98 -5.94 4.39
C ASN A 801 13.91 -5.30 5.43
N ARG A 802 15.15 -5.80 5.52
CA ARG A 802 16.11 -5.22 6.48
C ARG A 802 16.40 -3.77 6.11
N ILE A 803 16.61 -3.52 4.82
CA ILE A 803 16.91 -2.16 4.35
C ILE A 803 15.78 -1.21 4.74
N ARG A 804 14.54 -1.62 4.49
CA ARG A 804 13.39 -0.77 4.78
C ARG A 804 13.19 -0.54 6.28
N SER A 805 13.51 -1.56 7.09
N SER A 805 13.47 -1.56 7.10
CA SER A 805 13.26 -1.52 8.53
CA SER A 805 13.24 -1.48 8.55
C SER A 805 14.28 -0.66 9.30
C SER A 805 14.26 -0.61 9.27
N LEU A 806 15.48 -0.54 8.73
CA LEU A 806 16.53 0.28 9.35
C LEU A 806 16.68 1.63 8.65
N ILE A 807 17.08 1.58 7.38
CA ILE A 807 17.38 2.80 6.63
C ILE A 807 16.09 3.53 6.24
N GLY A 808 15.12 2.79 5.70
CA GLY A 808 13.85 3.38 5.30
C GLY A 808 13.10 4.04 6.47
N ALA A 809 13.04 3.33 7.60
CA ALA A 809 12.36 3.84 8.78
C ALA A 809 13.05 5.10 9.31
N PHE A 810 14.37 5.14 9.23
CA PHE A 810 15.10 6.34 9.66
C PHE A 810 14.69 7.55 8.80
N ALA A 811 14.84 7.41 7.48
CA ALA A 811 14.60 8.53 6.56
C ALA A 811 13.14 8.93 6.50
N GLY A 812 12.25 7.93 6.49
CA GLY A 812 10.82 8.18 6.30
C GLY A 812 10.00 8.36 7.56
N SER A 813 10.41 7.70 8.64
CA SER A 813 9.62 7.68 9.87
C SER A 813 10.31 8.34 11.07
N ASN A 814 11.51 8.85 10.87
CA ASN A 814 12.14 9.72 11.86
C ASN A 814 12.50 11.07 11.22
N PRO A 815 11.48 11.80 10.70
CA PRO A 815 11.84 13.06 10.03
C PRO A 815 12.62 14.06 10.91
N ALA A 816 12.39 14.07 12.23
CA ALA A 816 13.16 14.95 13.12
C ALA A 816 14.67 14.69 13.05
N ALA A 817 15.06 13.42 13.01
CA ALA A 817 16.47 13.05 12.90
C ALA A 817 16.95 13.11 11.46
N PHE A 818 16.11 12.67 10.52
CA PHE A 818 16.50 12.73 9.12
C PHE A 818 16.80 14.17 8.71
N HIS A 819 16.01 15.10 9.27
CA HIS A 819 16.13 16.51 8.95
C HIS A 819 16.94 17.27 10.01
N ALA A 820 17.87 16.55 10.66
CA ALA A 820 18.81 17.19 11.59
C ALA A 820 19.41 18.41 10.90
N GLU A 821 19.56 19.48 11.66
CA GLU A 821 19.99 20.76 11.08
C GLU A 821 21.39 20.73 10.47
N ASP A 822 22.24 19.83 10.96
CA ASP A 822 23.60 19.69 10.42
C ASP A 822 23.66 18.95 9.07
N GLY A 823 22.51 18.45 8.61
CA GLY A 823 22.42 17.79 7.30
C GLY A 823 22.93 16.35 7.30
N SER A 824 23.23 15.84 8.49
CA SER A 824 23.80 14.50 8.64
C SER A 824 22.87 13.41 8.10
N GLY A 825 21.57 13.63 8.25
CA GLY A 825 20.56 12.66 7.78
C GLY A 825 20.61 12.52 6.27
N TYR A 826 20.69 13.65 5.58
CA TYR A 826 20.75 13.62 4.11
C TYR A 826 22.02 12.92 3.63
N LEU A 827 23.15 13.20 4.29
CA LEU A 827 24.42 12.62 3.89
C LEU A 827 24.41 11.10 4.05
N PHE A 828 23.79 10.64 5.13
CA PHE A 828 23.65 9.20 5.39
C PHE A 828 22.82 8.55 4.27
N LEU A 829 21.69 9.17 3.95
CA LEU A 829 20.83 8.62 2.89
C LEU A 829 21.56 8.58 1.54
N VAL A 830 22.32 9.64 1.24
CA VAL A 830 23.11 9.64 0.01
C VAL A 830 24.06 8.44 -0.07
N GLU A 831 24.75 8.16 1.05
N GLU A 831 24.76 8.17 1.04
CA GLU A 831 25.66 7.03 1.15
CA GLU A 831 25.67 7.02 1.09
C GLU A 831 24.95 5.70 0.87
C GLU A 831 24.89 5.73 0.78
N MET A 832 23.77 5.54 1.46
CA MET A 832 23.00 4.30 1.30
C MET A 832 22.49 4.16 -0.14
N LEU A 833 22.04 5.27 -0.72
CA LEU A 833 21.47 5.24 -2.07
C LEU A 833 22.56 5.05 -3.13
N THR A 834 23.78 5.48 -2.81
CA THR A 834 24.89 5.23 -3.71
C THR A 834 25.14 3.72 -3.91
N ASP A 835 25.01 2.95 -2.81
CA ASP A 835 25.06 1.49 -2.87
C ASP A 835 23.83 0.98 -3.61
N LEU A 836 22.65 1.35 -3.12
CA LEU A 836 21.39 0.73 -3.61
C LEU A 836 21.03 1.04 -5.06
N ASN A 837 21.46 2.21 -5.56
CA ASN A 837 21.29 2.53 -6.96
C ASN A 837 21.84 1.44 -7.89
N SER A 838 22.96 0.85 -7.51
CA SER A 838 23.58 -0.22 -8.29
C SER A 838 23.00 -1.59 -7.94
N ARG A 839 22.71 -1.80 -6.67
CA ARG A 839 22.30 -3.12 -6.16
C ARG A 839 20.83 -3.44 -6.48
N ASN A 840 19.95 -2.50 -6.17
CA ASN A 840 18.52 -2.73 -6.17
C ASN A 840 17.83 -1.38 -6.35
N PRO A 841 17.75 -0.91 -7.60
CA PRO A 841 17.19 0.41 -7.89
C PRO A 841 15.77 0.60 -7.36
N GLN A 842 14.95 -0.45 -7.34
CA GLN A 842 13.57 -0.32 -6.87
C GLN A 842 13.54 0.05 -5.40
N VAL A 843 14.36 -0.62 -4.60
CA VAL A 843 14.43 -0.28 -3.17
C VAL A 843 15.05 1.12 -2.99
N ALA A 844 16.04 1.45 -3.82
CA ALA A 844 16.66 2.78 -3.77
C ALA A 844 15.59 3.84 -4.01
N SER A 845 14.74 3.61 -5.00
CA SER A 845 13.71 4.59 -5.35
C SER A 845 12.66 4.74 -4.24
N ARG A 846 12.34 3.65 -3.55
N ARG A 846 12.34 3.65 -3.55
CA ARG A 846 11.49 3.73 -2.37
CA ARG A 846 11.47 3.75 -2.38
C ARG A 846 12.12 4.66 -1.34
C ARG A 846 12.10 4.63 -1.29
N LEU A 847 13.41 4.46 -1.11
CA LEU A 847 14.16 5.16 -0.05
C LEU A 847 14.48 6.61 -0.35
N ILE A 848 14.49 7.00 -1.62
CA ILE A 848 14.80 8.40 -1.95
C ILE A 848 13.62 9.34 -1.69
N GLU A 849 12.42 8.77 -1.52
CA GLU A 849 11.22 9.58 -1.39
C GLU A 849 11.34 10.75 -0.38
N PRO A 850 11.84 10.52 0.85
CA PRO A 850 11.90 11.65 1.80
C PRO A 850 12.74 12.85 1.30
N LEU A 851 13.70 12.60 0.41
CA LEU A 851 14.56 13.65 -0.09
C LEU A 851 13.88 14.48 -1.16
N ILE A 852 12.95 13.89 -1.92
CA ILE A 852 12.27 14.64 -2.98
C ILE A 852 11.19 15.61 -2.45
N ARG A 853 10.95 15.60 -1.14
CA ARG A 853 9.98 16.50 -0.51
C ARG A 853 10.60 17.82 -0.08
N LEU A 854 11.78 18.14 -0.62
CA LEU A 854 12.55 19.32 -0.18
C LEU A 854 11.79 20.65 -0.18
N LYS A 855 10.89 20.85 -1.16
CA LYS A 855 10.16 22.13 -1.25
C LYS A 855 9.20 22.39 -0.08
N ARG A 856 8.95 21.37 0.73
CA ARG A 856 8.11 21.49 1.94
C ARG A 856 8.89 21.99 3.14
N TYR A 857 10.21 22.18 2.98
CA TYR A 857 11.08 22.53 4.12
C TYR A 857 11.67 23.93 4.00
N ASP A 858 12.25 24.41 5.09
CA ASP A 858 12.81 25.76 5.13
C ASP A 858 14.01 25.89 4.17
N ALA A 859 14.38 27.13 3.87
CA ALA A 859 15.42 27.40 2.87
C ALA A 859 16.74 26.68 3.15
N LYS A 860 17.20 26.69 4.39
CA LYS A 860 18.48 26.07 4.73
C LYS A 860 18.44 24.56 4.49
N ARG A 861 17.35 23.92 4.91
CA ARG A 861 17.15 22.49 4.64
C ARG A 861 17.05 22.19 3.15
N GLN A 862 16.26 22.99 2.43
CA GLN A 862 16.15 22.83 0.97
C GLN A 862 17.51 22.82 0.30
N GLU A 863 18.39 23.74 0.68
CA GLU A 863 19.67 23.80 0.02
C GLU A 863 20.52 22.56 0.24
N LYS A 864 20.52 22.04 1.46
CA LYS A 864 21.24 20.79 1.76
C LYS A 864 20.62 19.59 1.02
N MET A 865 19.29 19.55 0.96
CA MET A 865 18.61 18.41 0.30
C MET A 865 18.87 18.48 -1.21
N ARG A 866 18.85 19.70 -1.74
CA ARG A 866 19.19 19.94 -3.15
C ARG A 866 20.61 19.47 -3.46
N ALA A 867 21.57 19.79 -2.59
CA ALA A 867 22.96 19.35 -2.75
C ALA A 867 23.06 17.83 -2.78
N ALA A 868 22.29 17.18 -1.89
CA ALA A 868 22.25 15.72 -1.81
C ALA A 868 21.70 15.14 -3.12
N LEU A 869 20.60 15.70 -3.60
CA LEU A 869 20.02 15.24 -4.87
C LEU A 869 20.97 15.45 -6.05
N GLU A 870 21.69 16.58 -6.06
N GLU A 870 21.69 16.57 -6.08
CA GLU A 870 22.68 16.87 -7.10
CA GLU A 870 22.66 16.82 -7.16
C GLU A 870 23.82 15.85 -7.09
C GLU A 870 23.85 15.86 -7.11
N GLN A 871 24.26 15.44 -5.90
CA GLN A 871 25.29 14.39 -5.77
C GLN A 871 24.80 13.09 -6.38
N LEU A 872 23.58 12.70 -6.04
CA LEU A 872 22.98 11.50 -6.61
C LEU A 872 22.80 11.57 -8.13
N LYS A 873 22.41 12.75 -8.65
CA LYS A 873 22.20 12.94 -10.09
C LYS A 873 23.49 12.65 -10.87
N GLY A 874 24.63 12.85 -10.22
CA GLY A 874 25.92 12.66 -10.87
C GLY A 874 26.50 11.26 -10.78
N LEU A 875 25.75 10.32 -10.20
CA LEU A 875 26.25 8.95 -10.04
C LEU A 875 26.53 8.33 -11.39
N GLU A 876 27.66 7.64 -11.48
CA GLU A 876 27.92 6.78 -12.61
C GLU A 876 26.82 5.72 -12.59
N ASN A 877 26.28 5.41 -13.78
CA ASN A 877 25.26 4.38 -13.93
C ASN A 877 24.04 4.65 -13.06
N LEU A 878 23.58 5.90 -13.10
CA LEU A 878 22.34 6.30 -12.40
C LEU A 878 21.16 5.51 -12.97
N SER A 879 20.42 4.83 -12.10
CA SER A 879 19.26 4.06 -12.54
C SER A 879 18.14 4.97 -13.05
N GLY A 880 17.36 4.47 -14.01
CA GLY A 880 16.17 5.21 -14.48
C GLY A 880 15.23 5.50 -13.31
N ASP A 881 15.14 4.55 -12.38
CA ASP A 881 14.25 4.66 -11.22
C ASP A 881 14.56 5.93 -10.47
N LEU A 882 15.85 6.14 -10.13
CA LEU A 882 16.25 7.35 -9.40
C LEU A 882 16.26 8.60 -10.27
N TYR A 883 16.68 8.45 -11.53
CA TYR A 883 16.71 9.58 -12.47
C TYR A 883 15.35 10.28 -12.54
N GLU A 884 14.29 9.50 -12.64
CA GLU A 884 12.96 10.07 -12.77
C GLU A 884 12.61 10.94 -11.56
N LYS A 885 12.86 10.42 -10.35
CA LYS A 885 12.52 11.16 -9.14
C LYS A 885 13.43 12.37 -8.93
N ILE A 886 14.73 12.19 -9.18
CA ILE A 886 15.71 13.27 -8.94
C ILE A 886 15.42 14.45 -9.88
N THR A 887 15.17 14.17 -11.15
CA THR A 887 14.94 15.27 -12.13
C THR A 887 13.67 16.06 -11.79
N LYS A 888 12.61 15.34 -11.39
CA LYS A 888 11.39 16.00 -10.95
C LYS A 888 11.65 16.85 -9.70
N ALA A 889 12.44 16.32 -8.76
CA ALA A 889 12.70 17.02 -7.48
C ALA A 889 13.51 18.32 -7.68
N LEU A 890 14.42 18.28 -8.64
CA LEU A 890 15.36 19.38 -8.88
C LEU A 890 14.80 20.42 -9.85
N ALA A 891 13.67 20.11 -10.48
CA ALA A 891 13.05 21.02 -11.46
C ALA A 891 12.55 22.31 -10.81
#